data_3AEF
#
_entry.id   3AEF
#
_cell.length_a   71.222
_cell.length_b   84.209
_cell.length_c   293.319
_cell.angle_alpha   90.000
_cell.angle_beta   90.000
_cell.angle_gamma   90.000
#
_symmetry.space_group_name_H-M   'P 21 21 21'
#
loop_
_entity.id
_entity.type
_entity.pdbx_description
1 polymer 'Succinate dehydrogenase [ubiquinone] flavoprotein subunit, mitochondrial'
2 polymer 'Succinate dehydrogenase [ubiquinone] iron-sulfur subunit, mitochondrial'
3 polymer 'Succinate dehydrogenase cytochrome b560 subunit, mitochondrial'
4 polymer 'Succinate dehydrogenase [ubiquinone] cytochrome b small subunit, mitochondrial'
5 non-polymer 'FLAVIN-ADENINE DINUCLEOTIDE'
6 non-polymer 'FE2/S2 (INORGANIC) CLUSTER'
7 non-polymer 'IRON/SULFUR CLUSTER'
8 non-polymer 'FE3-S4 CLUSTER'
9 non-polymer 'PROTOPORPHYRIN IX CONTAINING FE'
10 non-polymer L-ALPHA-PHOSPHATIDYL-BETA-OLEOYL-GAMMA-PALMITOYL-PHOSPHATIDYLETHANOLAMINE
11 water water
#
loop_
_entity_poly.entity_id
_entity_poly.type
_entity_poly.pdbx_seq_one_letter_code
_entity_poly.pdbx_strand_id
1 'polypeptide(L)'
;SSAKVSDAISTQYPVVDHEFDAVVVGAGGAGLRAAFGLSEAGFNTACVTKLFPTRSHTVAAQGGINAALGNMEEDNWRWH
FYDTVKGSDWLGDQDAIHYMTEQAPASVVELENYGMPFSRTEDGKIYQRAFGGQSLKFGKGGQAHRCCCVADRTGHSLLH
TLYGRSLRYDTSYFVEYFALDLLMENGECRGVIALCIEDGSIHRIRARNTVVATGGYGRTYFSCTSAHTSTGDGTAMVTR
AGLPCQDLEFVQFHPTGIYGAGCLITEGCRGEGGILINSQGERFMERYAPVAKDLASRDVVSRSMTLEIREGRGCGPEKD
HVYLQLHHLPPEQLAVRLPGISETAMIFAGVDVTKEPIPVLPTVHYNMGGIPTNYKGQVLRHVNGQDQVVPGLYACGEAA
CASVHGANRLGANSLLDLVVFGRACALSIAESCRPGDKVPSIKPNAGEESVMNLDKLRFANGTIRTSELRLSMQKSMQSH
AAVFRVGSVLQEGCEKILRLYGDLQHLKTFDRGMVWNTDLVETLELQNLMLCALQTIYGAEARKESRGAHAREDFKERVD
EYDYSKPIQGQQKKPFQEHWRKHTLSYVDVKTGKVSLEYRPVIDKTLNEADCATVPPAIRSY
;
A
2 'polypeptide(L)'
;AQTAAATAPRIKKFAIYRWDPDKTGDKPHMQTYEIDLNNCGPMVLDALIKIKNEIDSTLTFRRSCREGICGSCAMNINGG
NTLACTRRIDTNLDKVSKIYPLPHMYVIKDLVPDLSNFYAQYKSIEPYLKKKDESQEGKQQYLQSIEEREKLDGLYECIL
CACCSTSCPSYWWNGDKYLGPAVLMQAYRWMIDSRDDFTEERLAKLQDPFSLYRCHTIMNCTGTCPKGLNPGKAIAEIKK
MMATYKEKKASA
;
B
3 'polypeptide(L)'
;LGTTAKEEMERFWNKNLGSNRPLSPHITIYRWSLPMAMSICHRGTGIALSAGVSLFGLSALLLPGNFESHLELVKSLCLG
PTLIYTAKFGIVFPLMYHTWNGIRHLIWDLGKGLTIPQLTQSGVVVLILTVLSSVGLAAM
;
C
4 'polypeptide(L)'
;ASSKAASLHWTGERVVSVLLLGLLPAAYLNPCSAMDYSLAAALTLHGHWGIGQVVTDYVRGDALQKAAKAGLLALSAFTF
AGLCYFNYHDVGICKAVAMLWKL
;
D
#
# COMPACT_ATOMS: atom_id res chain seq x y z
N SER A 10 -21.20 28.37 11.01
CA SER A 10 -21.02 28.78 12.43
C SER A 10 -19.74 28.19 13.03
N THR A 11 -19.34 28.74 14.19
CA THR A 11 -18.21 28.23 14.94
C THR A 11 -18.66 27.14 15.92
N GLN A 12 -19.38 26.16 15.36
CA GLN A 12 -19.39 24.80 15.86
C GLN A 12 -18.08 24.19 15.35
N TYR A 13 -17.70 24.61 14.14
CA TYR A 13 -16.47 24.16 13.49
C TYR A 13 -15.32 25.14 13.75
N PRO A 14 -14.28 24.67 14.46
CA PRO A 14 -13.09 25.53 14.66
C PRO A 14 -12.34 25.68 13.34
N VAL A 15 -12.12 26.92 12.91
CA VAL A 15 -11.29 27.18 11.73
C VAL A 15 -9.83 27.36 12.12
N VAL A 16 -8.94 26.60 11.48
CA VAL A 16 -7.51 26.72 11.71
C VAL A 16 -6.80 27.18 10.43
N ASP A 17 -6.15 28.34 10.52
CA ASP A 17 -5.48 28.96 9.38
C ASP A 17 -4.02 28.54 9.24
N HIS A 18 -3.65 28.12 8.04
CA HIS A 18 -2.27 27.77 7.71
C HIS A 18 -1.75 28.68 6.59
N GLU A 19 -0.43 28.84 6.53
CA GLU A 19 0.21 29.70 5.53
C GLU A 19 1.43 29.02 4.91
N PHE A 20 1.37 28.77 3.60
CA PHE A 20 2.46 28.12 2.88
C PHE A 20 2.76 28.85 1.59
N ASP A 21 3.93 28.56 1.01
CA ASP A 21 4.24 29.06 -0.32
C ASP A 21 3.32 28.36 -1.32
N ALA A 22 3.15 27.04 -1.15
CA ALA A 22 2.50 26.15 -2.12
C ALA A 22 1.74 24.97 -1.47
N VAL A 23 0.58 24.59 -2.04
CA VAL A 23 -0.18 23.41 -1.60
C VAL A 23 -0.31 22.44 -2.76
N VAL A 24 -0.15 21.15 -2.47
CA VAL A 24 -0.48 20.12 -3.43
C VAL A 24 -1.61 19.29 -2.84
N VAL A 25 -2.69 19.12 -3.62
CA VAL A 25 -3.79 18.26 -3.21
C VAL A 25 -3.72 16.93 -3.96
N GLY A 26 -3.21 15.92 -3.27
CA GLY A 26 -2.99 14.59 -3.84
C GLY A 26 -1.63 14.07 -3.42
N ALA A 27 -1.55 12.77 -3.19
CA ALA A 27 -0.28 12.16 -2.83
C ALA A 27 -0.08 10.83 -3.56
N GLY A 28 -0.64 10.75 -4.77
CA GLY A 28 -0.25 9.74 -5.73
C GLY A 28 1.07 10.18 -6.34
N GLY A 29 1.48 9.51 -7.41
CA GLY A 29 2.76 9.81 -8.08
C GLY A 29 2.80 11.26 -8.46
N ALA A 30 1.73 11.70 -9.11
CA ALA A 30 1.58 13.11 -9.47
C ALA A 30 1.74 14.00 -8.25
N GLY A 31 0.96 13.72 -7.20
CA GLY A 31 0.98 14.53 -6.00
C GLY A 31 2.36 14.64 -5.38
N LEU A 32 2.99 13.48 -5.21
CA LEU A 32 4.27 13.39 -4.53
C LEU A 32 5.38 14.15 -5.26
N ARG A 33 5.51 13.84 -6.56
CA ARG A 33 6.53 14.45 -7.41
C ARG A 33 6.43 15.98 -7.41
N ALA A 34 5.20 16.49 -7.39
CA ALA A 34 4.94 17.92 -7.25
C ALA A 34 5.32 18.43 -5.87
N ALA A 35 4.84 17.74 -4.84
CA ALA A 35 5.10 18.11 -3.45
C ALA A 35 6.60 18.24 -3.15
N PHE A 36 7.38 17.17 -3.31
CA PHE A 36 8.82 17.25 -2.98
C PHE A 36 9.69 17.97 -4.02
N GLY A 37 9.15 18.11 -5.24
CA GLY A 37 9.77 18.96 -6.27
C GLY A 37 9.70 20.44 -5.88
N LEU A 38 8.60 20.82 -5.26
CA LEU A 38 8.41 22.18 -4.78
C LEU A 38 9.30 22.43 -3.57
N SER A 39 9.41 21.43 -2.70
CA SER A 39 10.25 21.53 -1.52
C SER A 39 11.75 21.55 -1.87
N GLU A 40 12.17 20.65 -2.75
CA GLU A 40 13.54 20.64 -3.26
C GLU A 40 13.92 22.02 -3.80
N ALA A 41 12.97 22.67 -4.48
CA ALA A 41 13.21 24.01 -5.05
C ALA A 41 13.26 25.13 -4.01
N GLY A 42 13.07 24.79 -2.73
CA GLY A 42 13.13 25.76 -1.65
C GLY A 42 11.78 26.32 -1.19
N PHE A 43 10.68 25.81 -1.75
CA PHE A 43 9.32 26.26 -1.38
C PHE A 43 8.74 25.54 -0.17
N ASN A 44 8.33 26.33 0.82
CA ASN A 44 7.63 25.81 1.99
C ASN A 44 6.27 25.29 1.52
N THR A 45 6.17 23.96 1.47
CA THR A 45 5.08 23.30 0.77
C THR A 45 4.24 22.39 1.66
N ALA A 46 2.93 22.59 1.58
CA ALA A 46 1.96 21.66 2.17
C ALA A 46 1.55 20.60 1.15
N CYS A 47 1.10 19.47 1.65
CA CYS A 47 0.50 18.47 0.80
C CYS A 47 -0.73 17.93 1.52
N VAL A 48 -1.89 18.09 0.88
CA VAL A 48 -3.14 17.61 1.47
C VAL A 48 -3.53 16.32 0.75
N THR A 49 -3.77 15.25 1.51
CA THR A 49 -4.21 13.98 0.95
C THR A 49 -5.25 13.30 1.83
N LYS A 50 -6.27 12.72 1.20
CA LYS A 50 -7.37 12.10 1.94
C LYS A 50 -7.06 10.65 2.30
N LEU A 51 -5.83 10.24 1.99
CA LEU A 51 -5.36 8.90 2.31
C LEU A 51 -3.89 8.96 2.62
N PHE A 52 -3.43 8.07 3.49
CA PHE A 52 -2.01 7.95 3.67
C PHE A 52 -1.39 7.77 2.26
N PRO A 53 -0.42 8.62 1.90
CA PRO A 53 0.09 8.67 0.53
C PRO A 53 0.15 7.32 -0.20
N THR A 54 0.71 6.31 0.46
CA THR A 54 0.90 4.98 -0.12
C THR A 54 -0.39 4.23 -0.47
N ARG A 55 -1.54 4.74 -0.04
CA ARG A 55 -2.82 4.07 -0.29
C ARG A 55 -3.44 4.49 -1.63
N SER A 56 -2.93 5.59 -2.18
CA SER A 56 -3.46 6.17 -3.41
C SER A 56 -3.42 5.15 -4.51
N HIS A 57 -4.31 5.33 -5.47
CA HIS A 57 -4.49 4.41 -6.57
C HIS A 57 -3.24 3.99 -7.33
N THR A 58 -2.24 4.87 -7.49
CA THR A 58 -1.05 4.49 -8.27
C THR A 58 -0.35 3.22 -7.77
N VAL A 59 -0.46 2.88 -6.46
CA VAL A 59 0.05 1.58 -5.98
C VAL A 59 -0.52 0.42 -6.79
N ALA A 60 -1.79 0.54 -7.16
CA ALA A 60 -2.48 -0.50 -7.92
C ALA A 60 -1.89 -0.70 -9.31
N ALA A 61 -1.16 0.29 -9.82
CA ALA A 61 -0.58 0.23 -11.16
C ALA A 61 0.43 -0.90 -11.32
N GLN A 62 0.46 -1.45 -12.53
CA GLN A 62 1.02 -2.77 -12.79
C GLN A 62 1.96 -2.79 -13.98
N GLY A 63 1.40 -2.52 -15.16
CA GLY A 63 2.08 -2.74 -16.43
C GLY A 63 3.42 -2.05 -16.62
N GLY A 64 3.44 -0.73 -16.39
CA GLY A 64 4.71 -0.01 -16.40
C GLY A 64 4.67 1.48 -16.68
N ILE A 65 5.81 2.00 -17.11
CA ILE A 65 6.00 3.43 -17.40
C ILE A 65 6.81 3.54 -18.69
N ASN A 66 6.24 4.18 -19.71
CA ASN A 66 6.90 4.30 -21.00
C ASN A 66 8.06 5.30 -20.97
N ALA A 67 9.13 4.97 -21.68
CA ALA A 67 10.33 5.81 -21.82
C ALA A 67 11.31 5.18 -22.81
N ALA A 68 11.68 5.97 -23.82
CA ALA A 68 12.51 5.46 -24.89
C ALA A 68 13.98 5.39 -24.48
N LEU A 69 14.26 4.59 -23.47
CA LEU A 69 15.63 4.35 -23.06
C LEU A 69 16.37 3.51 -24.10
N GLY A 70 15.60 2.78 -24.91
CA GLY A 70 16.15 1.88 -25.88
C GLY A 70 17.01 0.81 -25.23
N ASN A 71 16.49 0.18 -24.19
CA ASN A 71 17.23 -0.87 -23.49
C ASN A 71 17.17 -2.23 -24.15
N MET A 72 16.09 -2.48 -24.89
CA MET A 72 15.90 -3.79 -25.51
C MET A 72 16.38 -3.76 -26.96
N GLU A 73 15.92 -2.76 -27.70
CA GLU A 73 16.39 -2.48 -29.06
C GLU A 73 16.74 -1.00 -29.10
N GLU A 74 17.18 -0.48 -30.25
CA GLU A 74 17.39 0.96 -30.33
C GLU A 74 16.09 1.73 -30.60
N ASP A 75 15.96 2.88 -29.95
CA ASP A 75 14.70 3.62 -29.91
C ASP A 75 14.94 5.13 -30.02
N ASN A 76 13.85 5.87 -30.23
CA ASN A 76 13.90 7.32 -30.33
C ASN A 76 12.66 7.86 -29.65
N TRP A 77 12.80 8.87 -28.79
CA TRP A 77 11.63 9.39 -28.05
C TRP A 77 10.56 9.93 -29.00
N ARG A 78 11.00 10.46 -30.13
CA ARG A 78 10.10 10.99 -31.14
C ARG A 78 9.20 9.89 -31.64
N TRP A 79 9.68 8.65 -31.59
CA TRP A 79 8.87 7.51 -31.98
C TRP A 79 7.74 7.32 -30.98
N HIS A 80 8.07 7.48 -29.71
CA HIS A 80 7.12 7.43 -28.61
C HIS A 80 6.09 8.55 -28.81
N PHE A 81 6.58 9.73 -29.19
CA PHE A 81 5.74 10.86 -29.55
C PHE A 81 4.69 10.48 -30.59
N TYR A 82 5.14 9.96 -31.73
CA TYR A 82 4.22 9.60 -32.82
C TYR A 82 3.17 8.65 -32.28
N ASP A 83 3.62 7.62 -31.58
CA ASP A 83 2.72 6.63 -31.03
C ASP A 83 1.63 7.28 -30.19
N THR A 84 2.00 8.28 -29.40
CA THR A 84 1.05 8.88 -28.44
C THR A 84 0.02 9.78 -29.12
N VAL A 85 0.46 10.69 -29.98
CA VAL A 85 -0.48 11.53 -30.72
C VAL A 85 -1.46 10.65 -31.51
N LYS A 86 -0.92 9.66 -32.24
CA LYS A 86 -1.75 8.68 -32.93
C LYS A 86 -2.70 8.02 -31.93
N GLY A 87 -2.15 7.50 -30.84
CA GLY A 87 -2.96 6.91 -29.78
C GLY A 87 -4.14 7.80 -29.42
N SER A 88 -3.87 9.10 -29.33
CA SER A 88 -4.82 10.10 -28.84
C SER A 88 -5.91 10.44 -29.85
N ASP A 89 -5.79 9.89 -31.05
CA ASP A 89 -6.78 10.09 -32.13
C ASP A 89 -6.93 11.58 -32.49
N TRP A 90 -5.81 12.28 -32.42
CA TRP A 90 -5.68 13.70 -32.78
C TRP A 90 -6.55 14.69 -31.98
N LEU A 91 -6.85 14.27 -30.76
CA LEU A 91 -7.42 15.14 -29.76
C LEU A 91 -6.32 15.45 -28.73
N GLY A 92 -5.12 14.92 -28.98
CA GLY A 92 -3.97 15.11 -28.10
C GLY A 92 -3.15 16.36 -28.37
N ASP A 93 -3.09 17.24 -27.38
CA ASP A 93 -2.34 18.48 -27.50
C ASP A 93 -0.82 18.22 -27.67
N GLN A 94 -0.37 18.41 -28.91
CA GLN A 94 0.94 17.90 -29.36
C GLN A 94 2.14 18.54 -28.65
N ASP A 95 1.92 19.73 -28.10
CA ASP A 95 2.96 20.44 -27.38
C ASP A 95 3.28 19.75 -26.05
N ALA A 96 2.25 19.16 -25.45
CA ALA A 96 2.38 18.50 -24.15
C ALA A 96 2.93 17.11 -24.36
N ILE A 97 2.71 16.58 -25.55
CA ILE A 97 3.12 15.22 -25.87
C ILE A 97 4.59 15.20 -26.27
N HIS A 98 5.05 16.29 -26.88
CA HIS A 98 6.46 16.52 -27.15
C HIS A 98 7.18 16.62 -25.81
N TYR A 99 6.74 17.56 -24.97
CA TYR A 99 7.37 17.79 -23.67
C TYR A 99 7.53 16.49 -22.89
N MET A 100 6.44 15.73 -22.83
CA MET A 100 6.38 14.50 -22.05
C MET A 100 7.31 13.42 -22.58
N THR A 101 7.23 13.15 -23.88
CA THR A 101 8.00 12.06 -24.47
C THR A 101 9.47 12.38 -24.46
N GLU A 102 9.84 13.64 -24.72
CA GLU A 102 11.25 14.02 -24.67
C GLU A 102 11.80 13.88 -23.26
N GLN A 103 11.01 14.31 -22.28
CA GLN A 103 11.40 14.21 -20.87
C GLN A 103 11.43 12.77 -20.38
N ALA A 104 10.59 11.92 -20.97
CA ALA A 104 10.37 10.56 -20.52
C ALA A 104 11.62 9.78 -20.10
N PRO A 105 12.68 9.77 -20.93
CA PRO A 105 13.85 9.03 -20.40
C PRO A 105 14.37 9.59 -19.08
N ALA A 106 14.59 10.90 -19.01
CA ALA A 106 15.08 11.57 -17.80
C ALA A 106 14.18 11.34 -16.56
N SER A 107 12.88 11.25 -16.78
CA SER A 107 11.94 11.03 -15.68
C SER A 107 12.03 9.63 -15.10
N VAL A 108 12.33 8.65 -15.96
CA VAL A 108 12.46 7.25 -15.54
C VAL A 108 13.85 6.98 -14.96
N VAL A 109 14.87 7.63 -15.51
CA VAL A 109 16.17 7.60 -14.85
C VAL A 109 16.07 8.30 -13.48
N GLU A 110 15.23 9.33 -13.39
CA GLU A 110 15.08 10.02 -12.11
C GLU A 110 14.55 9.08 -11.05
N LEU A 111 13.64 8.20 -11.46
CA LEU A 111 13.00 7.28 -10.54
C LEU A 111 13.97 6.21 -10.10
N GLU A 112 14.61 5.56 -11.08
CA GLU A 112 15.58 4.50 -10.83
C GLU A 112 16.73 4.98 -9.96
N ASN A 113 17.20 6.20 -10.20
CA ASN A 113 18.21 6.79 -9.32
C ASN A 113 17.69 7.16 -7.92
N TYR A 114 16.37 7.23 -7.74
CA TYR A 114 15.77 7.36 -6.41
C TYR A 114 15.77 6.01 -5.67
N GLY A 115 15.65 4.91 -6.42
CA GLY A 115 15.72 3.57 -5.83
C GLY A 115 14.65 2.61 -6.29
N MET A 116 13.87 3.02 -7.29
CA MET A 116 12.86 2.15 -7.85
C MET A 116 13.53 0.84 -8.28
N PRO A 117 13.00 -0.31 -7.80
CA PRO A 117 13.66 -1.58 -8.04
C PRO A 117 13.21 -2.19 -9.35
N PHE A 118 13.50 -1.52 -10.46
CA PHE A 118 13.14 -2.02 -11.79
C PHE A 118 13.63 -3.45 -12.05
N SER A 119 12.80 -4.23 -12.75
CA SER A 119 13.23 -5.51 -13.28
C SER A 119 14.39 -5.28 -14.24
N ARG A 120 15.28 -6.26 -14.40
CA ARG A 120 16.52 -6.04 -15.15
C ARG A 120 16.77 -6.95 -16.36
N THR A 121 17.72 -6.54 -17.20
CA THR A 121 18.13 -7.31 -18.39
C THR A 121 19.54 -7.89 -18.20
N GLU A 122 19.97 -8.73 -19.14
CA GLU A 122 21.33 -9.30 -19.13
C GLU A 122 22.42 -8.20 -19.13
N ASP A 123 22.02 -6.99 -19.52
CA ASP A 123 22.90 -5.82 -19.52
C ASP A 123 22.96 -5.12 -18.16
N GLY A 124 21.93 -5.34 -17.34
CA GLY A 124 21.84 -4.66 -16.06
C GLY A 124 21.00 -3.40 -16.16
N LYS A 125 20.61 -3.06 -17.39
CA LYS A 125 19.74 -1.92 -17.65
C LYS A 125 18.32 -2.29 -17.27
N ILE A 126 17.47 -1.27 -17.14
CA ILE A 126 16.04 -1.45 -16.88
C ILE A 126 15.40 -2.35 -17.94
N TYR A 127 14.71 -3.39 -17.49
CA TYR A 127 13.91 -4.21 -18.40
C TYR A 127 12.66 -3.48 -18.85
N GLN A 128 12.44 -3.49 -20.16
CA GLN A 128 11.24 -2.90 -20.75
C GLN A 128 10.55 -3.96 -21.59
N ARG A 129 9.24 -3.82 -21.77
CA ARG A 129 8.53 -4.76 -22.60
C ARG A 129 7.55 -4.14 -23.60
N ALA A 130 7.01 -4.97 -24.49
CA ALA A 130 5.95 -4.58 -25.44
C ALA A 130 4.69 -4.15 -24.71
N PHE A 131 3.97 -3.19 -25.29
CA PHE A 131 2.75 -2.71 -24.68
C PHE A 131 1.81 -2.23 -25.77
N GLY A 132 0.53 -2.17 -25.46
CA GLY A 132 -0.52 -1.90 -26.44
C GLY A 132 -0.46 -0.52 -27.06
N GLY A 133 -0.19 -0.50 -28.38
CA GLY A 133 -0.19 0.71 -29.18
C GLY A 133 1.17 1.30 -29.48
N GLN A 134 2.24 0.52 -29.31
CA GLN A 134 3.61 1.06 -29.41
C GLN A 134 4.51 0.43 -30.48
N SER A 135 5.12 1.34 -31.25
CA SER A 135 5.81 1.00 -32.49
C SER A 135 7.18 1.67 -32.60
N LEU A 136 7.98 1.20 -33.56
CA LEU A 136 9.25 1.82 -33.88
C LEU A 136 9.14 2.54 -35.24
N LYS A 137 10.09 3.43 -35.51
CA LYS A 137 10.18 4.12 -36.80
C LYS A 137 8.85 4.69 -37.26
N PHE A 138 8.24 5.50 -36.39
CA PHE A 138 6.96 6.17 -36.68
C PHE A 138 5.88 5.23 -37.28
N GLY A 139 5.61 4.12 -36.60
CA GLY A 139 4.50 3.24 -36.96
C GLY A 139 4.83 2.21 -38.02
N LYS A 140 5.98 2.38 -38.68
CA LYS A 140 6.40 1.56 -39.81
C LYS A 140 7.33 0.39 -39.41
N GLY A 141 7.97 0.50 -38.24
CA GLY A 141 9.02 -0.44 -37.86
C GLY A 141 8.65 -1.59 -36.93
N GLY A 142 7.36 -1.93 -36.86
CA GLY A 142 6.91 -3.03 -35.98
C GLY A 142 6.88 -2.69 -34.49
N GLN A 143 6.70 -3.74 -33.67
CA GLN A 143 6.47 -3.59 -32.23
C GLN A 143 7.67 -3.01 -31.50
N ALA A 144 7.37 -2.08 -30.57
CA ALA A 144 8.35 -1.44 -29.71
C ALA A 144 8.28 -1.97 -28.28
N HIS A 145 9.41 -1.91 -27.57
CA HIS A 145 9.50 -2.44 -26.22
C HIS A 145 10.03 -1.35 -25.25
N ARG A 146 9.21 -0.36 -24.92
CA ARG A 146 9.68 0.73 -24.05
C ARG A 146 8.90 0.92 -22.74
N CYS A 147 8.13 -0.09 -22.37
CA CYS A 147 7.39 -0.03 -21.14
C CYS A 147 8.32 -0.48 -20.00
N CYS A 148 8.83 0.49 -19.24
CA CYS A 148 9.70 0.20 -18.08
C CYS A 148 8.87 -0.31 -16.91
N CYS A 149 9.35 -1.37 -16.26
CA CYS A 149 8.54 -1.98 -15.21
C CYS A 149 9.28 -2.65 -14.04
N VAL A 150 8.53 -2.83 -12.96
CA VAL A 150 8.95 -3.56 -11.80
C VAL A 150 7.99 -4.77 -11.75
N ALA A 151 8.39 -5.88 -12.37
CA ALA A 151 7.47 -7.00 -12.64
C ALA A 151 6.14 -6.47 -13.16
N ASP A 152 5.04 -6.86 -12.55
CA ASP A 152 3.74 -6.24 -12.86
C ASP A 152 3.18 -5.52 -11.64
N ARG A 153 4.10 -4.89 -10.89
CA ARG A 153 3.77 -4.14 -9.68
C ARG A 153 4.48 -2.78 -9.67
N THR A 154 4.59 -2.17 -10.85
CA THR A 154 5.43 -0.99 -11.00
C THR A 154 4.82 0.26 -10.36
N GLY A 155 3.50 0.35 -10.32
CA GLY A 155 2.86 1.47 -9.63
C GLY A 155 3.08 1.46 -8.13
N HIS A 156 3.00 0.28 -7.54
CA HIS A 156 3.26 0.06 -6.12
C HIS A 156 4.64 0.60 -5.77
N SER A 157 5.64 0.17 -6.51
CA SER A 157 6.98 0.57 -6.14
C SER A 157 7.33 1.97 -6.65
N LEU A 158 6.71 2.42 -7.74
CA LEU A 158 6.77 3.84 -8.12
C LEU A 158 6.32 4.70 -6.94
N LEU A 159 5.20 4.33 -6.32
CA LEU A 159 4.64 5.15 -5.27
C LEU A 159 5.47 5.11 -3.99
N HIS A 160 5.95 3.93 -3.65
CA HIS A 160 6.69 3.75 -2.42
C HIS A 160 8.10 4.34 -2.54
N THR A 161 8.65 4.39 -3.75
CA THR A 161 9.99 4.97 -3.86
C THR A 161 9.89 6.47 -3.77
N LEU A 162 9.01 7.08 -4.55
CA LEU A 162 8.66 8.51 -4.38
C LEU A 162 8.30 8.85 -2.95
N TYR A 163 7.40 8.08 -2.34
CA TYR A 163 7.07 8.35 -0.95
C TYR A 163 8.32 8.29 -0.10
N GLY A 164 9.18 7.30 -0.36
CA GLY A 164 10.43 7.16 0.38
C GLY A 164 11.24 8.42 0.24
N ARG A 165 11.44 8.83 -1.00
CA ARG A 165 12.15 10.05 -1.34
C ARG A 165 11.58 11.26 -0.62
N SER A 166 10.27 11.46 -0.74
CA SER A 166 9.54 12.58 -0.15
C SER A 166 9.93 12.89 1.31
N LEU A 167 10.41 11.87 2.02
CA LEU A 167 10.80 12.02 3.41
C LEU A 167 12.11 12.82 3.64
N ARG A 168 12.86 13.07 2.57
CA ARG A 168 14.10 13.86 2.66
C ARG A 168 13.85 15.38 2.76
N TYR A 169 12.59 15.80 2.62
CA TYR A 169 12.26 17.21 2.58
C TYR A 169 11.27 17.63 3.67
N ASP A 170 11.23 18.93 3.93
CA ASP A 170 10.43 19.47 5.03
C ASP A 170 8.99 19.81 4.62
N THR A 171 8.50 19.13 3.59
CA THR A 171 7.09 19.23 3.17
C THR A 171 6.16 18.88 4.32
N SER A 172 5.26 19.82 4.66
CA SER A 172 4.23 19.60 5.67
C SER A 172 3.08 18.76 5.11
N TYR A 173 2.89 17.56 5.64
CA TYR A 173 1.82 16.68 5.16
C TYR A 173 0.57 16.80 6.01
N PHE A 174 -0.57 16.80 5.34
CA PHE A 174 -1.85 16.79 6.03
C PHE A 174 -2.52 15.48 5.64
N VAL A 175 -2.22 14.45 6.41
CA VAL A 175 -2.64 13.08 6.09
C VAL A 175 -4.07 12.86 6.55
N GLU A 176 -4.86 12.27 5.65
CA GLU A 176 -6.26 12.02 5.90
C GLU A 176 -6.97 13.33 6.23
N TYR A 177 -6.74 14.31 5.35
CA TYR A 177 -7.49 15.56 5.27
C TYR A 177 -8.21 15.55 3.92
N PHE A 178 -9.46 15.97 3.94
CA PHE A 178 -10.30 15.94 2.76
C PHE A 178 -10.59 17.36 2.25
N ALA A 179 -10.02 17.70 1.09
CA ALA A 179 -10.23 19.00 0.47
C ALA A 179 -11.68 19.15 0.03
N LEU A 180 -12.30 20.28 0.37
CA LEU A 180 -13.70 20.53 0.02
C LEU A 180 -13.84 21.43 -1.22
N ASP A 181 -13.11 22.54 -1.24
CA ASP A 181 -13.14 23.50 -2.36
C ASP A 181 -11.82 24.25 -2.47
N LEU A 182 -11.64 24.99 -3.56
CA LEU A 182 -10.51 25.91 -3.65
C LEU A 182 -10.82 27.18 -2.87
N LEU A 183 -9.78 27.82 -2.35
CA LEU A 183 -9.95 29.15 -1.81
C LEU A 183 -9.84 30.15 -2.95
N MET A 184 -10.98 30.55 -3.51
CA MET A 184 -10.98 31.35 -4.73
C MET A 184 -11.32 32.82 -4.45
N GLU A 185 -10.58 33.72 -5.09
CA GLU A 185 -10.83 35.15 -4.94
C GLU A 185 -10.60 35.90 -6.25
N ASN A 186 -11.70 36.37 -6.84
CA ASN A 186 -11.69 37.09 -8.11
C ASN A 186 -10.85 36.37 -9.16
N GLY A 187 -11.23 35.13 -9.43
CA GLY A 187 -10.56 34.31 -10.42
C GLY A 187 -9.16 33.83 -10.06
N GLU A 188 -8.68 34.20 -8.87
CA GLU A 188 -7.36 33.73 -8.44
C GLU A 188 -7.46 32.72 -7.31
N CYS A 189 -6.66 31.67 -7.40
CA CYS A 189 -6.66 30.62 -6.39
C CYS A 189 -5.67 30.92 -5.28
N ARG A 190 -6.18 30.88 -4.06
CA ARG A 190 -5.47 31.30 -2.87
C ARG A 190 -5.11 30.12 -1.98
N GLY A 191 -5.73 28.96 -2.24
CA GLY A 191 -5.47 27.74 -1.47
C GLY A 191 -6.60 26.72 -1.51
N VAL A 192 -6.72 25.96 -0.41
CA VAL A 192 -7.74 24.93 -0.24
C VAL A 192 -8.36 24.99 1.15
N ILE A 193 -9.64 24.65 1.24
CA ILE A 193 -10.29 24.46 2.53
C ILE A 193 -10.57 22.95 2.71
N ALA A 194 -10.20 22.41 3.87
CA ALA A 194 -10.17 20.96 4.07
C ALA A 194 -10.74 20.52 5.41
N LEU A 195 -11.44 19.38 5.40
CA LEU A 195 -11.88 18.71 6.62
C LEU A 195 -10.80 17.77 7.08
N CYS A 196 -10.32 17.94 8.32
CA CYS A 196 -9.44 16.97 8.96
C CYS A 196 -10.30 15.81 9.44
N ILE A 197 -10.17 14.65 8.77
CA ILE A 197 -10.98 13.46 9.09
C ILE A 197 -10.86 13.02 10.56
N GLU A 198 -9.67 13.17 11.14
CA GLU A 198 -9.39 12.69 12.49
C GLU A 198 -10.26 13.34 13.58
N ASP A 199 -10.35 14.67 13.59
CA ASP A 199 -11.06 15.37 14.66
C ASP A 199 -12.16 16.31 14.18
N GLY A 200 -12.56 16.15 12.91
CA GLY A 200 -13.65 16.91 12.34
C GLY A 200 -13.39 18.38 12.07
N SER A 201 -12.24 18.88 12.53
CA SER A 201 -11.84 20.29 12.36
C SER A 201 -11.62 20.72 10.89
N ILE A 202 -11.90 21.99 10.64
CA ILE A 202 -11.79 22.54 9.29
C ILE A 202 -10.59 23.47 9.18
N HIS A 203 -9.79 23.26 8.13
CA HIS A 203 -8.52 23.95 7.91
C HIS A 203 -8.42 24.68 6.58
N ARG A 204 -8.21 25.99 6.64
CA ARG A 204 -7.86 26.74 5.44
C ARG A 204 -6.35 26.74 5.29
N ILE A 205 -5.85 26.02 4.30
CA ILE A 205 -4.45 26.11 3.90
C ILE A 205 -4.36 27.12 2.76
N ARG A 206 -3.53 28.14 2.95
CA ARG A 206 -3.38 29.18 1.93
C ARG A 206 -1.95 29.28 1.39
N ALA A 207 -1.84 29.54 0.10
CA ALA A 207 -0.56 29.57 -0.58
C ALA A 207 -0.64 30.41 -1.85
N ARG A 208 0.51 30.79 -2.39
CA ARG A 208 0.54 31.57 -3.64
C ARG A 208 0.10 30.67 -4.79
N ASN A 209 0.54 29.42 -4.76
CA ASN A 209 0.22 28.46 -5.80
C ASN A 209 -0.37 27.19 -5.23
N THR A 210 -1.33 26.65 -5.96
CA THR A 210 -2.07 25.47 -5.59
C THR A 210 -1.96 24.44 -6.72
N VAL A 211 -1.58 23.21 -6.38
CA VAL A 211 -1.56 22.11 -7.35
C VAL A 211 -2.67 21.11 -7.05
N VAL A 212 -3.50 20.82 -8.05
CA VAL A 212 -4.54 19.81 -7.90
C VAL A 212 -4.04 18.53 -8.56
N ALA A 213 -3.89 17.49 -7.76
CA ALA A 213 -3.42 16.21 -8.26
C ALA A 213 -4.24 15.09 -7.63
N THR A 214 -5.54 15.09 -7.92
CA THR A 214 -6.49 14.26 -7.19
C THR A 214 -6.93 13.01 -7.94
N GLY A 215 -6.30 12.75 -9.08
CA GLY A 215 -6.64 11.60 -9.90
C GLY A 215 -8.08 11.63 -10.42
N GLY A 216 -8.55 10.48 -10.91
CA GLY A 216 -9.81 10.41 -11.64
C GLY A 216 -11.07 10.06 -10.87
N TYR A 217 -12.11 9.76 -11.64
CA TYR A 217 -13.47 9.60 -11.11
C TYR A 217 -14.15 8.34 -11.64
N GLY A 218 -13.38 7.28 -11.77
CA GLY A 218 -13.89 6.02 -12.32
C GLY A 218 -15.05 5.47 -11.51
N ARG A 219 -15.25 6.00 -10.30
CA ARG A 219 -16.31 5.52 -9.42
C ARG A 219 -17.69 6.04 -9.81
N THR A 220 -17.73 6.86 -10.87
CA THR A 220 -18.97 7.24 -11.52
C THR A 220 -19.66 5.98 -12.07
N TYR A 221 -18.88 4.93 -12.27
CA TYR A 221 -19.39 3.67 -12.85
C TYR A 221 -19.61 2.53 -11.84
N PHE A 222 -20.41 1.53 -12.21
CA PHE A 222 -20.65 0.37 -11.36
C PHE A 222 -19.45 -0.59 -11.44
N SER A 223 -18.83 -0.66 -12.61
CA SER A 223 -17.71 -1.55 -12.83
C SER A 223 -16.50 -0.76 -13.28
N CYS A 224 -15.47 -0.71 -12.42
CA CYS A 224 -14.25 0.08 -12.67
C CYS A 224 -13.02 -0.55 -11.99
N THR A 225 -11.88 -0.54 -12.67
CA THR A 225 -10.67 -1.18 -12.10
C THR A 225 -10.12 -0.36 -10.97
N SER A 226 -10.58 0.88 -10.88
CA SER A 226 -10.04 1.88 -9.96
C SER A 226 -10.46 1.66 -8.51
N ALA A 227 -9.77 2.35 -7.60
CA ALA A 227 -10.00 2.27 -6.17
C ALA A 227 -11.35 2.85 -5.77
N HIS A 228 -11.81 2.50 -4.57
CA HIS A 228 -12.99 3.12 -3.99
C HIS A 228 -12.83 4.62 -3.80
N THR A 229 -11.58 5.05 -3.67
CA THR A 229 -11.24 6.45 -3.41
C THR A 229 -11.06 7.31 -4.68
N SER A 230 -11.22 6.72 -5.87
CA SER A 230 -11.18 7.46 -7.13
C SER A 230 -12.52 8.14 -7.44
N THR A 231 -12.81 9.22 -6.73
CA THR A 231 -14.11 9.88 -6.79
C THR A 231 -14.07 11.32 -7.35
N GLY A 232 -13.10 11.59 -8.23
CA GLY A 232 -12.93 12.90 -8.86
C GLY A 232 -13.15 14.13 -7.99
N ASP A 233 -12.44 14.19 -6.86
CA ASP A 233 -12.68 15.27 -5.91
C ASP A 233 -12.08 16.64 -6.28
N GLY A 234 -11.01 16.65 -7.06
CA GLY A 234 -10.39 17.91 -7.51
C GLY A 234 -11.11 18.41 -8.74
N THR A 235 -11.59 17.46 -9.55
CA THR A 235 -12.38 17.78 -10.72
C THR A 235 -13.64 18.48 -10.22
N ALA A 236 -14.22 17.93 -9.16
CA ALA A 236 -15.35 18.51 -8.44
C ALA A 236 -15.11 19.94 -7.96
N MET A 237 -13.91 20.21 -7.46
CA MET A 237 -13.57 21.51 -6.90
C MET A 237 -13.41 22.58 -7.99
N VAL A 238 -12.72 22.21 -9.06
CA VAL A 238 -12.58 23.07 -10.23
C VAL A 238 -13.97 23.48 -10.70
N THR A 239 -14.90 22.51 -10.72
CA THR A 239 -16.27 22.76 -11.15
C THR A 239 -17.02 23.79 -10.30
N ARG A 240 -17.08 23.59 -8.98
CA ARG A 240 -17.79 24.50 -8.08
C ARG A 240 -17.20 25.91 -8.09
N ALA A 241 -16.01 26.05 -8.64
CA ALA A 241 -15.38 27.34 -8.85
C ALA A 241 -15.78 27.94 -10.19
N GLY A 242 -16.68 27.26 -10.89
CA GLY A 242 -17.21 27.75 -12.16
C GLY A 242 -16.20 27.69 -13.29
N LEU A 243 -15.11 26.94 -13.05
CA LEU A 243 -14.08 26.68 -14.04
C LEU A 243 -14.45 25.47 -14.92
N PRO A 244 -13.99 25.46 -16.18
CA PRO A 244 -14.31 24.34 -17.06
C PRO A 244 -13.52 23.07 -16.77
N CYS A 245 -14.14 21.93 -17.03
CA CYS A 245 -13.41 20.66 -17.15
C CYS A 245 -13.26 20.37 -18.64
N GLN A 246 -12.35 19.46 -18.99
CA GLN A 246 -12.08 19.18 -20.40
C GLN A 246 -12.24 17.69 -20.74
N ASP A 247 -12.87 17.42 -21.89
CA ASP A 247 -12.98 16.04 -22.43
C ASP A 247 -13.41 14.98 -21.42
N LEU A 248 -14.32 15.33 -20.51
CA LEU A 248 -14.80 14.38 -19.50
C LEU A 248 -15.53 13.14 -20.06
N GLU A 249 -16.16 13.29 -21.24
CA GLU A 249 -16.85 12.17 -21.88
C GLU A 249 -15.90 11.12 -22.44
N PHE A 250 -14.60 11.38 -22.32
CA PHE A 250 -13.57 10.50 -22.83
C PHE A 250 -13.11 9.62 -21.68
N VAL A 251 -13.75 8.45 -21.58
CA VAL A 251 -13.53 7.49 -20.50
C VAL A 251 -12.96 6.20 -21.07
N GLN A 252 -11.73 5.88 -20.68
CA GLN A 252 -11.07 4.67 -21.15
C GLN A 252 -11.65 3.44 -20.47
N PHE A 253 -11.94 2.45 -21.30
CA PHE A 253 -12.23 1.12 -20.83
C PHE A 253 -10.99 0.28 -21.07
N HIS A 254 -10.36 -0.16 -19.99
CA HIS A 254 -9.28 -1.12 -20.12
C HIS A 254 -9.88 -2.44 -20.57
N PRO A 255 -9.32 -3.03 -21.64
CA PRO A 255 -9.71 -4.32 -22.18
C PRO A 255 -9.80 -5.46 -21.15
N THR A 256 -8.78 -5.63 -20.31
CA THR A 256 -8.65 -6.83 -19.48
C THR A 256 -8.82 -6.63 -17.97
N GLY A 257 -10.02 -6.20 -17.55
CA GLY A 257 -10.40 -6.22 -16.13
C GLY A 257 -11.00 -7.58 -15.78
N ILE A 258 -10.69 -8.10 -14.58
CA ILE A 258 -11.15 -9.43 -14.16
C ILE A 258 -12.69 -9.50 -14.00
N TYR A 259 -13.28 -10.65 -14.36
CA TYR A 259 -14.73 -10.74 -14.51
C TYR A 259 -15.48 -10.42 -13.21
N GLY A 260 -15.09 -11.08 -12.11
CA GLY A 260 -15.72 -10.83 -10.82
C GLY A 260 -15.61 -9.40 -10.32
N ALA A 261 -14.57 -9.12 -9.53
CA ALA A 261 -14.43 -7.85 -8.80
C ALA A 261 -13.88 -6.69 -9.63
N GLY A 262 -13.77 -6.90 -10.94
CA GLY A 262 -13.36 -5.85 -11.87
C GLY A 262 -11.92 -5.39 -11.76
N CYS A 263 -11.12 -6.13 -10.99
CA CYS A 263 -9.74 -5.76 -10.73
C CYS A 263 -8.89 -5.86 -11.99
N LEU A 264 -7.94 -4.94 -12.13
CA LEU A 264 -7.11 -4.90 -13.32
C LEU A 264 -6.18 -6.09 -13.48
N ILE A 265 -6.25 -6.70 -14.65
CA ILE A 265 -5.19 -7.57 -15.12
C ILE A 265 -4.45 -6.85 -16.26
N THR A 266 -3.14 -6.71 -16.05
CA THR A 266 -2.27 -5.82 -16.83
C THR A 266 -2.25 -6.09 -18.33
N GLU A 267 -2.07 -5.01 -19.10
CA GLU A 267 -1.81 -5.12 -20.54
C GLU A 267 -0.49 -5.85 -20.75
N GLY A 268 0.40 -5.74 -19.76
CA GLY A 268 1.65 -6.49 -19.72
C GLY A 268 1.48 -7.96 -20.10
N CYS A 269 0.33 -8.53 -19.75
CA CYS A 269 0.00 -9.91 -20.10
C CYS A 269 0.01 -10.10 -21.61
N ARG A 270 -0.73 -9.24 -22.31
CA ARG A 270 -0.75 -9.21 -23.77
C ARG A 270 0.60 -8.77 -24.33
N GLY A 271 1.28 -7.88 -23.62
CA GLY A 271 2.61 -7.44 -24.02
C GLY A 271 3.68 -8.52 -23.90
N GLU A 272 3.45 -9.49 -23.00
CA GLU A 272 4.37 -10.61 -22.77
C GLU A 272 3.99 -11.84 -23.59
N GLY A 273 2.98 -11.70 -24.44
CA GLY A 273 2.58 -12.78 -25.37
C GLY A 273 1.22 -13.39 -25.13
N GLY A 274 0.48 -12.83 -24.16
CA GLY A 274 -0.86 -13.30 -23.82
C GLY A 274 -1.91 -12.96 -24.87
N ILE A 275 -2.89 -13.85 -25.01
CA ILE A 275 -3.86 -13.82 -26.10
C ILE A 275 -5.30 -13.66 -25.62
N LEU A 276 -6.09 -12.89 -26.37
CA LEU A 276 -7.54 -12.77 -26.14
C LEU A 276 -8.33 -13.73 -27.02
N ILE A 277 -9.28 -14.45 -26.40
CA ILE A 277 -9.97 -15.60 -27.02
C ILE A 277 -11.49 -15.61 -26.76
N ASN A 278 -12.27 -15.75 -27.84
CA ASN A 278 -13.72 -15.93 -27.73
C ASN A 278 -14.12 -17.41 -27.55
N SER A 279 -15.42 -17.68 -27.41
CA SER A 279 -15.90 -19.03 -27.10
C SER A 279 -15.67 -20.07 -28.20
N GLN A 280 -15.37 -19.59 -29.41
CA GLN A 280 -14.98 -20.46 -30.52
C GLN A 280 -13.52 -20.91 -30.35
N GLY A 281 -12.76 -20.17 -29.55
CA GLY A 281 -11.34 -20.42 -29.36
C GLY A 281 -10.45 -19.67 -30.33
N GLU A 282 -11.07 -19.02 -31.31
CA GLU A 282 -10.34 -18.29 -32.35
C GLU A 282 -9.86 -16.97 -31.74
N ARG A 283 -8.53 -16.78 -31.75
CA ARG A 283 -7.89 -15.55 -31.30
C ARG A 283 -8.42 -14.35 -32.10
N PHE A 284 -9.47 -13.72 -31.61
CA PHE A 284 -10.29 -12.83 -32.44
C PHE A 284 -9.68 -11.48 -32.80
N MET A 285 -8.63 -11.07 -32.09
CA MET A 285 -7.98 -9.79 -32.39
C MET A 285 -7.21 -9.82 -33.71
N GLU A 286 -6.94 -11.03 -34.22
CA GLU A 286 -6.41 -11.22 -35.57
C GLU A 286 -7.40 -10.73 -36.64
N ARG A 287 -8.70 -10.80 -36.30
CA ARG A 287 -9.81 -10.43 -37.19
C ARG A 287 -9.97 -8.90 -37.23
N TYR A 288 -9.91 -8.27 -36.05
CA TYR A 288 -10.22 -6.83 -35.90
C TYR A 288 -9.06 -5.91 -36.22
N ALA A 289 -7.85 -6.32 -35.88
CA ALA A 289 -6.65 -5.57 -36.18
C ALA A 289 -5.56 -6.55 -36.60
N PRO A 290 -5.48 -6.87 -37.91
CA PRO A 290 -4.55 -7.92 -38.36
C PRO A 290 -3.08 -7.63 -38.02
N VAL A 291 -2.69 -6.37 -38.08
CA VAL A 291 -1.30 -5.99 -37.78
C VAL A 291 -0.98 -6.07 -36.27
N ALA A 292 -1.62 -5.24 -35.46
CA ALA A 292 -1.29 -5.14 -34.03
C ALA A 292 -1.90 -6.22 -33.13
N LYS A 293 -2.90 -6.93 -33.64
CA LYS A 293 -3.59 -7.99 -32.89
C LYS A 293 -4.04 -7.47 -31.50
N ASP A 294 -3.92 -8.30 -30.47
CA ASP A 294 -4.29 -7.90 -29.11
C ASP A 294 -3.30 -6.93 -28.46
N LEU A 295 -2.48 -6.29 -29.29
CA LEU A 295 -1.57 -5.25 -28.83
C LEU A 295 -1.96 -3.92 -29.49
N ALA A 296 -3.22 -3.84 -29.93
CA ALA A 296 -3.76 -2.62 -30.52
C ALA A 296 -4.07 -1.59 -29.43
N SER A 297 -4.79 -0.53 -29.80
CA SER A 297 -5.22 0.51 -28.86
C SER A 297 -6.24 -0.02 -27.86
N ARG A 298 -6.31 0.60 -26.68
CA ARG A 298 -7.28 0.20 -25.67
C ARG A 298 -8.72 0.44 -26.11
N ASP A 299 -8.99 1.51 -26.83
CA ASP A 299 -10.34 1.78 -27.32
C ASP A 299 -10.84 0.75 -28.37
N VAL A 300 -9.93 0.31 -29.24
CA VAL A 300 -10.18 -0.68 -30.30
C VAL A 300 -10.35 -2.10 -29.75
N VAL A 301 -9.39 -2.53 -28.91
CA VAL A 301 -9.41 -3.88 -28.32
C VAL A 301 -10.66 -4.05 -27.47
N SER A 302 -10.92 -3.04 -26.65
CA SER A 302 -12.08 -2.98 -25.78
C SER A 302 -13.39 -3.07 -26.57
N ARG A 303 -13.40 -2.36 -27.70
CA ARG A 303 -14.54 -2.24 -28.59
C ARG A 303 -14.77 -3.54 -29.38
N SER A 304 -13.68 -4.24 -29.66
CA SER A 304 -13.73 -5.52 -30.36
C SER A 304 -14.18 -6.62 -29.44
N MET A 305 -13.86 -6.47 -28.16
CA MET A 305 -14.26 -7.45 -27.14
C MET A 305 -15.77 -7.39 -26.95
N THR A 306 -16.29 -6.16 -26.78
CA THR A 306 -17.72 -5.90 -26.58
C THR A 306 -18.58 -6.44 -27.72
N LEU A 307 -18.08 -6.29 -28.94
CA LEU A 307 -18.84 -6.68 -30.11
C LEU A 307 -18.88 -8.20 -30.23
N GLU A 308 -17.85 -8.88 -29.72
CA GLU A 308 -17.85 -10.35 -29.68
C GLU A 308 -18.85 -10.94 -28.67
N ILE A 309 -19.18 -10.17 -27.63
CA ILE A 309 -20.18 -10.54 -26.62
C ILE A 309 -21.61 -10.45 -27.19
N ARG A 310 -21.95 -9.26 -27.70
CA ARG A 310 -23.28 -8.95 -28.27
C ARG A 310 -23.67 -9.90 -29.39
N GLU A 311 -22.66 -10.53 -29.98
CA GLU A 311 -22.87 -11.41 -31.12
C GLU A 311 -22.80 -12.90 -30.77
N GLY A 312 -22.75 -13.20 -29.47
CA GLY A 312 -22.94 -14.56 -28.98
C GLY A 312 -21.68 -15.38 -28.78
N ARG A 313 -20.53 -14.79 -29.09
CA ARG A 313 -19.24 -15.44 -28.85
C ARG A 313 -18.70 -15.14 -27.45
N GLY A 314 -19.59 -14.85 -26.51
CA GLY A 314 -19.23 -14.63 -25.11
C GLY A 314 -18.98 -15.92 -24.35
N CYS A 315 -18.16 -15.83 -23.31
CA CYS A 315 -17.73 -17.01 -22.55
C CYS A 315 -18.37 -17.09 -21.15
N GLY A 316 -18.36 -18.28 -20.56
CA GLY A 316 -18.98 -18.52 -19.26
C GLY A 316 -20.47 -18.80 -19.34
N PRO A 317 -21.09 -19.26 -18.22
CA PRO A 317 -22.52 -19.62 -18.16
C PRO A 317 -23.47 -18.50 -18.66
N GLU A 318 -23.12 -17.25 -18.35
CA GLU A 318 -23.93 -16.10 -18.72
C GLU A 318 -23.56 -15.55 -20.12
N LYS A 319 -22.55 -16.14 -20.76
CA LYS A 319 -22.05 -15.71 -22.08
C LYS A 319 -21.67 -14.20 -22.16
N ASP A 320 -21.17 -13.64 -21.06
CA ASP A 320 -20.95 -12.19 -20.99
C ASP A 320 -19.50 -11.73 -20.80
N HIS A 321 -18.53 -12.60 -21.13
CA HIS A 321 -17.11 -12.23 -21.06
C HIS A 321 -16.20 -12.93 -22.10
N VAL A 322 -14.91 -12.62 -22.05
CA VAL A 322 -13.90 -13.14 -22.98
C VAL A 322 -12.86 -13.93 -22.17
N TYR A 323 -11.82 -14.44 -22.83
CA TYR A 323 -10.75 -15.16 -22.13
C TYR A 323 -9.36 -14.57 -22.41
N LEU A 324 -8.61 -14.31 -21.35
CA LEU A 324 -7.21 -13.93 -21.50
C LEU A 324 -6.33 -15.14 -21.22
N GLN A 325 -5.90 -15.78 -22.30
CA GLN A 325 -5.04 -16.94 -22.22
C GLN A 325 -3.61 -16.52 -21.96
N LEU A 326 -3.02 -17.08 -20.91
CA LEU A 326 -1.59 -16.93 -20.62
C LEU A 326 -0.91 -18.30 -20.54
N HIS A 327 -1.72 -19.34 -20.29
CA HIS A 327 -1.22 -20.69 -19.99
C HIS A 327 -0.28 -21.31 -21.03
N HIS A 328 -0.21 -20.71 -22.21
CA HIS A 328 0.73 -21.15 -23.25
C HIS A 328 2.14 -20.58 -23.06
N LEU A 329 2.25 -19.47 -22.35
CA LEU A 329 3.56 -18.92 -21.96
C LEU A 329 4.23 -19.83 -20.93
N PRO A 330 5.57 -19.80 -20.86
CA PRO A 330 6.28 -20.60 -19.85
C PRO A 330 5.98 -20.11 -18.43
N PRO A 331 5.84 -21.06 -17.47
CA PRO A 331 5.56 -20.74 -16.08
C PRO A 331 6.57 -19.75 -15.46
N GLU A 332 7.85 -19.95 -15.77
CA GLU A 332 8.96 -19.12 -15.27
C GLU A 332 8.90 -17.67 -15.79
N GLN A 333 8.30 -17.51 -16.97
CA GLN A 333 8.07 -16.18 -17.52
C GLN A 333 6.87 -15.52 -16.83
N LEU A 334 5.81 -16.30 -16.59
CA LEU A 334 4.65 -15.80 -15.84
C LEU A 334 5.03 -15.45 -14.41
N ALA A 335 5.84 -16.31 -13.78
CA ALA A 335 6.40 -16.04 -12.45
C ALA A 335 7.21 -14.73 -12.37
N VAL A 336 8.15 -14.50 -13.29
CA VAL A 336 9.04 -13.34 -13.20
C VAL A 336 8.40 -12.04 -13.72
N ARG A 337 7.66 -12.13 -14.82
CA ARG A 337 7.09 -10.93 -15.46
C ARG A 337 5.77 -10.53 -14.85
N LEU A 338 4.99 -11.53 -14.43
CA LEU A 338 3.61 -11.32 -14.03
C LEU A 338 3.26 -12.05 -12.72
N PRO A 339 3.99 -11.78 -11.63
CA PRO A 339 3.67 -12.50 -10.39
C PRO A 339 2.42 -11.94 -9.72
N GLY A 340 2.21 -10.64 -9.91
CA GLY A 340 1.06 -9.94 -9.37
C GLY A 340 -0.24 -10.47 -9.92
N ILE A 341 -0.45 -10.39 -11.23
CA ILE A 341 -1.70 -10.84 -11.82
C ILE A 341 -1.95 -12.33 -11.55
N SER A 342 -0.90 -13.14 -11.62
CA SER A 342 -0.95 -14.55 -11.19
C SER A 342 -1.65 -14.68 -9.84
N GLU A 343 -1.15 -13.95 -8.85
CA GLU A 343 -1.72 -13.91 -7.49
C GLU A 343 -3.21 -13.54 -7.46
N THR A 344 -3.58 -12.42 -8.09
CA THR A 344 -4.95 -11.89 -7.97
C THR A 344 -6.00 -12.64 -8.84
N ALA A 345 -5.53 -13.31 -9.89
CA ALA A 345 -6.36 -14.16 -10.73
C ALA A 345 -6.71 -15.44 -10.00
N MET A 346 -5.80 -15.87 -9.13
CA MET A 346 -6.04 -17.01 -8.25
C MET A 346 -6.93 -16.60 -7.09
N ILE A 347 -6.68 -15.44 -6.50
CA ILE A 347 -7.45 -14.98 -5.35
C ILE A 347 -8.91 -14.63 -5.72
N PHE A 348 -9.10 -13.92 -6.83
CA PHE A 348 -10.45 -13.44 -7.16
C PHE A 348 -11.27 -14.32 -8.09
N ALA A 349 -10.60 -15.12 -8.91
CA ALA A 349 -11.30 -15.96 -9.87
C ALA A 349 -11.00 -17.45 -9.69
N GLY A 350 -10.11 -17.77 -8.75
CA GLY A 350 -9.74 -19.16 -8.48
C GLY A 350 -8.97 -19.77 -9.63
N VAL A 351 -8.39 -18.92 -10.48
CA VAL A 351 -7.77 -19.36 -11.71
C VAL A 351 -6.26 -19.50 -11.57
N ASP A 352 -5.74 -20.66 -11.99
CA ASP A 352 -4.31 -20.87 -12.09
C ASP A 352 -3.86 -20.47 -13.49
N VAL A 353 -3.22 -19.31 -13.58
CA VAL A 353 -2.79 -18.72 -14.85
C VAL A 353 -2.02 -19.70 -15.73
N THR A 354 -1.35 -20.65 -15.09
CA THR A 354 -0.50 -21.58 -15.81
C THR A 354 -1.30 -22.75 -16.40
N LYS A 355 -2.51 -22.97 -15.87
CA LYS A 355 -3.42 -24.01 -16.37
C LYS A 355 -4.59 -23.43 -17.16
N GLU A 356 -5.30 -22.47 -16.59
CA GLU A 356 -6.54 -21.96 -17.18
C GLU A 356 -6.42 -20.49 -17.62
N PRO A 357 -7.31 -20.04 -18.53
CA PRO A 357 -7.27 -18.64 -18.92
C PRO A 357 -8.06 -17.77 -17.96
N ILE A 358 -7.64 -16.52 -17.78
CA ILE A 358 -8.36 -15.57 -16.94
C ILE A 358 -9.65 -15.14 -17.64
N PRO A 359 -10.77 -15.11 -16.90
CA PRO A 359 -11.94 -14.44 -17.46
C PRO A 359 -11.76 -12.93 -17.38
N VAL A 360 -11.94 -12.25 -18.52
CA VAL A 360 -11.73 -10.79 -18.61
C VAL A 360 -12.83 -10.09 -19.37
N LEU A 361 -12.93 -8.78 -19.13
CA LEU A 361 -13.99 -7.95 -19.66
C LEU A 361 -13.55 -6.48 -19.61
N PRO A 362 -13.87 -5.71 -20.67
CA PRO A 362 -13.64 -4.27 -20.62
C PRO A 362 -14.31 -3.64 -19.41
N THR A 363 -13.56 -2.78 -18.72
CA THR A 363 -14.04 -2.11 -17.52
C THR A 363 -13.39 -0.72 -17.44
N VAL A 364 -14.18 0.25 -16.99
CA VAL A 364 -13.72 1.64 -16.79
C VAL A 364 -12.40 1.67 -16.01
N HIS A 365 -11.46 2.46 -16.49
CA HIS A 365 -10.08 2.37 -16.06
C HIS A 365 -9.46 3.75 -15.84
N TYR A 366 -9.50 4.59 -16.87
CA TYR A 366 -8.78 5.86 -16.85
C TYR A 366 -9.60 7.02 -17.40
N ASN A 367 -9.54 8.16 -16.72
CA ASN A 367 -10.17 9.37 -17.19
C ASN A 367 -9.15 10.26 -17.90
N MET A 368 -9.16 10.24 -19.23
CA MET A 368 -8.27 11.12 -20.01
C MET A 368 -8.73 12.57 -19.99
N GLY A 369 -9.99 12.76 -19.65
CA GLY A 369 -10.48 14.07 -19.33
C GLY A 369 -10.05 14.54 -17.96
N GLY A 370 -10.41 15.78 -17.65
CA GLY A 370 -10.12 16.41 -16.37
C GLY A 370 -9.93 17.91 -16.44
N ILE A 371 -8.99 18.41 -15.65
CA ILE A 371 -8.70 19.83 -15.51
C ILE A 371 -7.74 20.30 -16.61
N PRO A 372 -8.24 21.15 -17.55
CA PRO A 372 -7.41 21.56 -18.68
C PRO A 372 -6.20 22.35 -18.22
N THR A 373 -5.06 22.10 -18.83
CA THR A 373 -3.85 22.86 -18.52
C THR A 373 -2.98 23.12 -19.74
N ASN A 374 -2.10 24.11 -19.61
CA ASN A 374 -0.86 24.20 -20.39
C ASN A 374 -0.05 22.91 -20.30
N TYR A 375 0.98 22.82 -21.14
CA TYR A 375 2.02 21.84 -20.96
C TYR A 375 2.89 22.15 -19.76
N LYS A 376 2.73 23.35 -19.18
CA LYS A 376 3.52 23.73 -18.01
C LYS A 376 2.81 23.37 -16.73
N GLY A 377 1.55 22.96 -16.83
CA GLY A 377 0.80 22.55 -15.65
C GLY A 377 -0.27 23.51 -15.19
N GLN A 378 -0.36 24.68 -15.82
CA GLN A 378 -1.25 25.73 -15.35
C GLN A 378 -2.67 25.52 -15.85
N VAL A 379 -3.63 25.64 -14.94
CA VAL A 379 -5.03 25.45 -15.26
C VAL A 379 -5.53 26.57 -16.16
N LEU A 380 -6.23 26.17 -17.22
CA LEU A 380 -6.79 27.10 -18.19
C LEU A 380 -8.29 27.29 -17.96
N ARG A 381 -8.73 28.54 -18.09
CA ARG A 381 -10.14 28.85 -18.25
C ARG A 381 -10.35 29.35 -19.70
N HIS A 382 -11.58 29.62 -20.09
CA HIS A 382 -11.86 29.92 -21.50
C HIS A 382 -12.64 31.23 -21.70
N VAL A 383 -11.94 32.28 -22.08
CA VAL A 383 -12.54 33.58 -22.18
C VAL A 383 -12.52 34.10 -23.62
N ASN A 384 -13.73 34.34 -24.13
CA ASN A 384 -13.93 34.83 -25.49
C ASN A 384 -13.27 33.89 -26.49
N GLY A 385 -13.53 32.59 -26.30
CA GLY A 385 -12.97 31.53 -27.15
C GLY A 385 -11.45 31.48 -27.22
N GLN A 386 -10.79 31.92 -26.15
CA GLN A 386 -9.32 31.96 -26.10
C GLN A 386 -8.78 31.50 -24.73
N ASP A 387 -7.60 30.87 -24.75
CA ASP A 387 -7.00 30.35 -23.52
C ASP A 387 -6.48 31.42 -22.59
N GLN A 388 -6.77 31.24 -21.30
CA GLN A 388 -6.42 32.16 -20.24
C GLN A 388 -5.93 31.34 -19.05
N VAL A 389 -4.70 31.62 -18.64
CA VAL A 389 -4.06 30.96 -17.50
C VAL A 389 -4.71 31.41 -16.20
N VAL A 390 -5.07 30.45 -15.34
CA VAL A 390 -5.69 30.76 -14.04
C VAL A 390 -4.59 31.00 -13.01
N PRO A 391 -4.51 32.24 -12.51
CA PRO A 391 -3.49 32.61 -11.53
C PRO A 391 -3.58 31.74 -10.31
N GLY A 392 -2.45 31.10 -9.97
CA GLY A 392 -2.30 30.35 -8.73
C GLY A 392 -2.87 28.94 -8.73
N LEU A 393 -3.25 28.44 -9.90
CA LEU A 393 -3.84 27.09 -9.98
C LEU A 393 -3.14 26.17 -10.98
N TYR A 394 -2.70 25.02 -10.49
CA TYR A 394 -2.06 24.01 -11.33
C TYR A 394 -2.81 22.69 -11.17
N ALA A 395 -2.62 21.78 -12.13
CA ALA A 395 -3.16 20.40 -12.01
C ALA A 395 -2.27 19.37 -12.73
N CYS A 396 -2.25 18.13 -12.23
CA CYS A 396 -1.51 17.05 -12.91
C CYS A 396 -2.03 15.61 -12.64
N GLY A 397 -1.66 14.67 -13.51
CA GLY A 397 -2.16 13.30 -13.40
C GLY A 397 -3.57 13.15 -13.93
N GLU A 398 -4.17 11.99 -13.67
CA GLU A 398 -5.52 11.67 -14.15
C GLU A 398 -6.56 12.79 -13.92
N ALA A 399 -6.39 13.55 -12.84
CA ALA A 399 -7.24 14.71 -12.53
C ALA A 399 -7.17 15.77 -13.62
N ALA A 400 -5.97 16.00 -14.13
CA ALA A 400 -5.75 17.05 -15.12
C ALA A 400 -6.19 16.61 -16.51
N CYS A 401 -6.06 17.54 -17.44
CA CYS A 401 -6.20 17.26 -18.85
C CYS A 401 -5.37 18.30 -19.58
N ALA A 402 -4.11 17.97 -19.82
CA ALA A 402 -3.29 18.76 -20.73
C ALA A 402 -3.63 18.22 -22.12
N SER A 403 -4.50 17.21 -22.09
CA SER A 403 -4.68 16.15 -23.09
C SER A 403 -3.40 15.73 -23.81
N VAL A 404 -2.58 15.03 -23.04
CA VAL A 404 -1.46 14.29 -23.54
C VAL A 404 -1.96 12.89 -24.02
N HIS A 405 -3.10 12.48 -23.50
CA HIS A 405 -3.71 11.20 -23.88
C HIS A 405 -4.84 11.36 -24.90
N GLY A 406 -5.40 12.57 -25.00
CA GLY A 406 -6.43 12.88 -25.99
C GLY A 406 -7.69 12.03 -25.90
N ALA A 407 -8.00 11.32 -26.99
CA ALA A 407 -9.20 10.51 -27.07
C ALA A 407 -8.98 9.06 -26.59
N ASN A 408 -7.74 8.71 -26.30
CA ASN A 408 -7.38 7.38 -25.84
C ASN A 408 -5.97 7.32 -25.28
N ARG A 409 -5.85 6.99 -24.00
CA ARG A 409 -4.57 6.85 -23.36
C ARG A 409 -3.86 5.60 -23.86
N LEU A 410 -2.55 5.70 -24.04
CA LEU A 410 -1.68 4.55 -24.26
C LEU A 410 -1.31 3.90 -22.92
N GLY A 411 -1.07 2.58 -22.95
CA GLY A 411 -0.67 1.85 -21.77
C GLY A 411 0.71 2.28 -21.30
N ALA A 412 0.85 2.50 -20.00
CA ALA A 412 2.12 2.95 -19.41
C ALA A 412 2.44 4.43 -19.66
N ASN A 413 1.46 5.17 -20.18
CA ASN A 413 1.64 6.61 -20.33
C ASN A 413 1.17 7.47 -19.12
N SER A 414 0.25 6.95 -18.29
CA SER A 414 -0.17 7.72 -17.10
C SER A 414 0.88 7.78 -16.00
N LEU A 415 1.54 6.65 -15.71
CA LEU A 415 2.66 6.68 -14.77
C LEU A 415 3.71 7.67 -15.23
N LEU A 416 3.91 7.74 -16.55
CA LEU A 416 4.77 8.76 -17.13
C LEU A 416 4.18 10.17 -16.94
N ASP A 417 2.92 10.35 -17.34
CA ASP A 417 2.19 11.59 -17.15
C ASP A 417 2.48 12.15 -15.74
N LEU A 418 2.37 11.27 -14.74
CA LEU A 418 2.48 11.63 -13.34
C LEU A 418 3.81 12.29 -13.01
N VAL A 419 4.89 11.60 -13.36
CA VAL A 419 6.27 12.01 -13.03
C VAL A 419 6.74 13.21 -13.85
N VAL A 420 6.20 13.36 -15.05
CA VAL A 420 6.62 14.47 -15.89
C VAL A 420 5.90 15.76 -15.48
N PHE A 421 4.59 15.67 -15.26
CA PHE A 421 3.81 16.86 -14.96
C PHE A 421 3.79 17.29 -13.48
N GLY A 422 3.99 16.35 -12.57
CA GLY A 422 4.27 16.72 -11.19
C GLY A 422 5.55 17.56 -11.14
N ARG A 423 6.56 17.11 -11.88
CA ARG A 423 7.81 17.85 -12.02
C ARG A 423 7.55 19.24 -12.66
N ALA A 424 6.73 19.28 -13.70
CA ALA A 424 6.46 20.52 -14.44
C ALA A 424 5.80 21.62 -13.57
N CYS A 425 4.76 21.24 -12.83
CA CYS A 425 4.06 22.17 -11.97
C CYS A 425 5.06 22.81 -10.99
N ALA A 426 5.96 21.98 -10.47
CA ALA A 426 7.03 22.45 -9.60
C ALA A 426 7.94 23.47 -10.28
N LEU A 427 8.38 23.16 -11.51
CA LEU A 427 9.29 24.04 -12.25
C LEU A 427 8.62 25.34 -12.63
N SER A 428 7.38 25.26 -13.12
CA SER A 428 6.57 26.44 -13.45
C SER A 428 6.46 27.39 -12.27
N ILE A 429 6.21 26.83 -11.09
CA ILE A 429 6.18 27.64 -9.86
C ILE A 429 7.59 28.21 -9.54
N ALA A 430 8.61 27.34 -9.48
CA ALA A 430 9.99 27.77 -9.23
C ALA A 430 10.55 28.76 -10.25
N GLU A 431 9.88 28.89 -11.39
CA GLU A 431 10.36 29.77 -12.44
C GLU A 431 9.52 31.03 -12.52
N SER A 432 8.32 31.02 -11.93
CA SER A 432 7.43 32.18 -12.01
C SER A 432 7.41 33.04 -10.75
N CYS A 433 7.78 32.46 -9.61
CA CYS A 433 7.93 33.22 -8.38
C CYS A 433 8.97 32.63 -7.43
N ARG A 434 9.19 33.29 -6.29
CA ARG A 434 10.21 32.91 -5.30
C ARG A 434 9.59 32.55 -3.94
N PRO A 435 10.19 31.58 -3.22
CA PRO A 435 9.67 31.27 -1.89
C PRO A 435 9.72 32.49 -0.99
N GLY A 436 8.66 32.68 -0.19
CA GLY A 436 8.61 33.81 0.72
C GLY A 436 7.82 34.98 0.18
N ASP A 437 7.44 34.93 -1.09
CA ASP A 437 6.68 35.99 -1.71
C ASP A 437 5.30 36.17 -1.07
N LYS A 438 4.77 37.38 -1.19
CA LYS A 438 3.45 37.73 -0.64
C LYS A 438 2.40 36.65 -0.87
N VAL A 439 2.14 35.87 0.18
CA VAL A 439 1.05 34.90 0.14
C VAL A 439 -0.24 35.70 0.29
N PRO A 440 -1.11 35.66 -0.73
CA PRO A 440 -2.25 36.58 -0.83
C PRO A 440 -3.32 36.25 0.18
N SER A 441 -3.95 37.27 0.74
CA SER A 441 -4.82 37.06 1.90
C SER A 441 -6.31 37.01 1.56
N ILE A 442 -6.91 35.89 1.95
CA ILE A 442 -8.32 35.63 1.75
C ILE A 442 -9.17 36.35 2.80
N LYS A 443 -10.41 36.66 2.44
CA LYS A 443 -11.38 37.23 3.36
C LYS A 443 -11.57 36.32 4.57
N PRO A 444 -11.77 36.91 5.76
CA PRO A 444 -11.95 36.13 6.99
C PRO A 444 -13.08 35.08 6.93
N ASN A 445 -14.06 35.31 6.05
CA ASN A 445 -15.24 34.46 5.94
C ASN A 445 -15.24 33.54 4.70
N ALA A 446 -14.07 33.37 4.09
CA ALA A 446 -13.90 32.54 2.89
C ALA A 446 -14.06 31.06 3.20
N GLY A 447 -14.59 30.30 2.24
CA GLY A 447 -14.87 28.88 2.41
C GLY A 447 -16.06 28.62 3.33
N GLU A 448 -16.81 29.68 3.58
CA GLU A 448 -18.03 29.68 4.40
C GLU A 448 -18.99 28.59 3.94
N GLU A 449 -19.26 28.59 2.63
CA GLU A 449 -20.29 27.75 2.03
C GLU A 449 -19.91 26.27 2.01
N SER A 450 -18.60 25.99 1.98
CA SER A 450 -18.12 24.61 2.01
C SER A 450 -18.44 23.95 3.35
N VAL A 451 -18.34 24.76 4.41
CA VAL A 451 -18.75 24.36 5.76
C VAL A 451 -20.27 24.16 5.82
N MET A 452 -21.04 25.15 5.36
CA MET A 452 -22.51 25.03 5.32
C MET A 452 -22.91 23.73 4.63
N ASN A 453 -22.29 23.46 3.48
CA ASN A 453 -22.46 22.21 2.75
C ASN A 453 -22.13 21.00 3.63
N LEU A 454 -20.95 21.04 4.24
CA LEU A 454 -20.51 20.03 5.21
C LEU A 454 -21.61 19.77 6.26
N ASP A 455 -22.11 20.84 6.85
CA ASP A 455 -23.06 20.81 7.96
C ASP A 455 -24.43 20.29 7.56
N LYS A 456 -24.84 20.58 6.33
CA LYS A 456 -26.11 20.12 5.83
C LYS A 456 -26.04 18.63 5.53
N LEU A 457 -24.87 18.18 5.07
CA LEU A 457 -24.64 16.78 4.78
C LEU A 457 -24.43 15.92 6.04
N ARG A 458 -23.78 16.50 7.05
CA ARG A 458 -23.51 15.82 8.31
C ARG A 458 -24.79 15.53 9.09
N PHE A 459 -25.74 16.46 8.99
CA PHE A 459 -27.02 16.36 9.70
C PHE A 459 -28.16 15.91 8.80
N ALA A 460 -27.84 15.59 7.54
CA ALA A 460 -28.84 15.20 6.53
C ALA A 460 -29.82 14.13 7.02
N ASN A 461 -31.11 14.48 7.01
CA ASN A 461 -32.16 13.59 7.48
C ASN A 461 -33.24 13.34 6.41
N GLY A 462 -32.80 13.21 5.16
CA GLY A 462 -33.72 13.10 4.00
C GLY A 462 -34.43 11.77 3.81
N THR A 463 -34.47 11.31 2.56
CA THR A 463 -35.27 10.14 2.16
C THR A 463 -34.39 9.02 1.60
N ILE A 464 -33.29 9.41 0.98
CA ILE A 464 -32.44 8.47 0.25
C ILE A 464 -31.02 8.46 0.83
N ARG A 465 -30.60 7.26 1.23
CA ARG A 465 -29.28 7.03 1.79
C ARG A 465 -28.19 7.28 0.74
N THR A 466 -27.03 7.75 1.19
CA THR A 466 -25.90 8.02 0.31
C THR A 466 -25.60 6.88 -0.67
N SER A 467 -25.44 5.67 -0.14
CA SER A 467 -25.03 4.50 -0.93
C SER A 467 -26.03 4.11 -2.00
N GLU A 468 -27.31 4.35 -1.75
CA GLU A 468 -28.37 4.01 -2.70
C GLU A 468 -28.38 4.94 -3.91
N LEU A 469 -28.11 6.22 -3.69
CA LEU A 469 -27.99 7.21 -4.77
C LEU A 469 -26.69 7.01 -5.55
N ARG A 470 -25.66 6.50 -4.88
CA ARG A 470 -24.40 6.16 -5.54
C ARG A 470 -24.62 5.05 -6.56
N LEU A 471 -25.20 3.94 -6.11
CA LEU A 471 -25.50 2.80 -6.99
C LEU A 471 -26.46 3.20 -8.13
N SER A 472 -27.37 4.14 -7.84
CA SER A 472 -28.28 4.65 -8.85
C SER A 472 -27.49 5.29 -10.00
N MET A 473 -26.59 6.20 -9.62
CA MET A 473 -25.68 6.88 -10.56
C MET A 473 -24.75 5.91 -11.28
N GLN A 474 -24.18 4.97 -10.53
CA GLN A 474 -23.24 3.99 -11.08
C GLN A 474 -23.85 3.12 -12.17
N LYS A 475 -25.01 2.51 -11.89
CA LYS A 475 -25.68 1.66 -12.87
C LYS A 475 -26.25 2.47 -14.05
N SER A 476 -26.58 3.73 -13.81
CA SER A 476 -27.08 4.62 -14.88
C SER A 476 -25.97 4.99 -15.84
N MET A 477 -24.78 5.25 -15.30
CA MET A 477 -23.61 5.55 -16.11
C MET A 477 -23.14 4.31 -16.85
N GLN A 478 -23.25 3.15 -16.20
CA GLN A 478 -22.85 1.87 -16.80
C GLN A 478 -23.75 1.47 -17.98
N SER A 479 -25.05 1.70 -17.88
CA SER A 479 -25.98 1.28 -18.96
C SER A 479 -26.17 2.31 -20.09
N HIS A 480 -25.78 3.56 -19.84
CA HIS A 480 -26.01 4.65 -20.79
C HIS A 480 -24.75 5.29 -21.37
N ALA A 481 -23.59 4.95 -20.84
CA ALA A 481 -22.33 5.53 -21.30
C ALA A 481 -21.20 4.51 -21.35
N ALA A 482 -21.47 3.35 -21.91
CA ALA A 482 -20.48 2.29 -22.00
C ALA A 482 -19.59 2.45 -23.25
N VAL A 483 -18.88 1.37 -23.57
CA VAL A 483 -18.09 1.22 -24.80
C VAL A 483 -18.69 1.95 -26.01
N PHE A 484 -19.87 1.49 -26.42
CA PHE A 484 -20.65 2.13 -27.49
C PHE A 484 -21.78 2.97 -26.92
N ARG A 485 -22.03 4.13 -27.52
CA ARG A 485 -23.21 4.91 -27.14
C ARG A 485 -24.01 5.38 -28.34
N VAL A 486 -25.31 5.56 -28.12
CA VAL A 486 -26.24 6.11 -29.11
C VAL A 486 -26.99 7.30 -28.54
N GLY A 487 -27.33 8.25 -29.42
CA GLY A 487 -28.05 9.48 -29.06
C GLY A 487 -29.17 9.29 -28.05
N SER A 488 -30.14 8.43 -28.40
CA SER A 488 -31.29 8.16 -27.53
C SER A 488 -30.91 7.58 -26.15
N VAL A 489 -30.02 6.60 -26.12
CA VAL A 489 -29.56 5.99 -24.86
C VAL A 489 -28.89 7.06 -23.98
N LEU A 490 -28.03 7.88 -24.59
CA LEU A 490 -27.38 8.99 -23.92
C LEU A 490 -28.37 10.02 -23.37
N GLN A 491 -29.37 10.36 -24.18
CA GLN A 491 -30.44 11.28 -23.79
C GLN A 491 -31.22 10.82 -22.56
N GLU A 492 -31.64 9.55 -22.57
CA GLU A 492 -32.29 8.96 -21.39
C GLU A 492 -31.29 8.95 -20.23
N GLY A 493 -30.04 8.63 -20.54
CA GLY A 493 -28.98 8.63 -19.54
C GLY A 493 -28.86 9.97 -18.86
N CYS A 494 -28.93 11.04 -19.67
CA CYS A 494 -28.72 12.41 -19.20
C CYS A 494 -29.76 12.88 -18.16
N GLU A 495 -31.03 12.93 -18.56
CA GLU A 495 -32.10 13.37 -17.66
C GLU A 495 -32.18 12.46 -16.42
N LYS A 496 -31.72 11.21 -16.56
CA LYS A 496 -31.67 10.27 -15.45
C LYS A 496 -30.63 10.69 -14.41
N ILE A 497 -29.48 11.17 -14.88
CA ILE A 497 -28.45 11.73 -13.99
C ILE A 497 -28.90 13.09 -13.40
N LEU A 498 -29.50 13.94 -14.23
CA LEU A 498 -30.07 15.23 -13.77
C LEU A 498 -31.16 15.06 -12.70
N ARG A 499 -31.98 14.03 -12.85
CA ARG A 499 -32.95 13.62 -11.81
C ARG A 499 -32.21 13.27 -10.52
N LEU A 500 -31.14 12.48 -10.65
CA LEU A 500 -30.34 12.06 -9.51
C LEU A 500 -29.57 13.21 -8.89
N TYR A 501 -29.31 14.27 -9.66
CA TYR A 501 -28.71 15.46 -9.08
C TYR A 501 -29.75 16.18 -8.22
N GLY A 502 -31.00 16.16 -8.67
CA GLY A 502 -32.12 16.70 -7.91
C GLY A 502 -32.36 15.90 -6.65
N ASP A 503 -32.11 14.58 -6.72
CA ASP A 503 -32.29 13.68 -5.56
C ASP A 503 -31.26 13.92 -4.44
N LEU A 504 -30.17 14.62 -4.74
CA LEU A 504 -29.18 15.00 -3.72
C LEU A 504 -29.78 15.76 -2.54
N GLN A 505 -30.83 16.54 -2.82
CA GLN A 505 -31.53 17.32 -1.79
C GLN A 505 -32.40 16.45 -0.87
N HIS A 506 -32.50 15.16 -1.21
CA HIS A 506 -33.25 14.20 -0.43
C HIS A 506 -32.31 13.20 0.25
N LEU A 507 -31.08 13.63 0.56
CA LEU A 507 -30.08 12.72 1.13
C LEU A 507 -30.26 12.44 2.61
N LYS A 508 -29.94 11.21 3.02
CA LYS A 508 -29.96 10.82 4.42
C LYS A 508 -28.55 10.42 4.90
N THR A 509 -28.12 11.06 5.98
CA THR A 509 -26.93 10.64 6.70
C THR A 509 -27.35 10.04 8.04
N PHE A 510 -26.56 9.09 8.53
CA PHE A 510 -26.82 8.42 9.82
C PHE A 510 -25.83 8.86 10.90
N ASP A 511 -24.57 9.06 10.51
CA ASP A 511 -23.52 9.43 11.46
C ASP A 511 -23.56 10.93 11.80
N ARG A 512 -23.48 11.22 13.10
CA ARG A 512 -23.49 12.59 13.61
C ARG A 512 -22.13 13.04 14.13
N GLY A 513 -21.16 12.12 14.19
CA GLY A 513 -19.87 12.38 14.81
C GLY A 513 -18.88 13.22 14.00
N MET A 514 -17.87 13.74 14.70
CA MET A 514 -16.85 14.57 14.09
C MET A 514 -15.64 13.74 13.68
N VAL A 515 -15.37 12.71 14.46
CA VAL A 515 -14.21 11.86 14.23
C VAL A 515 -14.59 10.82 13.20
N TRP A 516 -13.77 10.73 12.15
CA TRP A 516 -13.93 9.73 11.10
C TRP A 516 -15.39 9.47 10.70
N ASN A 517 -16.09 10.53 10.35
CA ASN A 517 -17.43 10.38 9.84
C ASN A 517 -17.38 10.02 8.37
N THR A 518 -17.06 8.76 8.09
CA THR A 518 -16.94 8.31 6.70
C THR A 518 -18.28 8.35 5.94
N ASP A 519 -19.37 8.08 6.64
CA ASP A 519 -20.70 8.33 6.12
C ASP A 519 -20.71 9.68 5.41
N LEU A 520 -20.30 10.72 6.15
CA LEU A 520 -20.23 12.08 5.66
C LEU A 520 -19.24 12.31 4.52
N VAL A 521 -18.02 11.77 4.60
CA VAL A 521 -17.07 12.01 3.51
C VAL A 521 -17.53 11.37 2.22
N GLU A 522 -18.05 10.15 2.33
CA GLU A 522 -18.56 9.45 1.16
C GLU A 522 -19.72 10.23 0.53
N THR A 523 -20.44 11.01 1.35
CA THR A 523 -21.51 11.87 0.86
C THR A 523 -20.95 13.08 0.10
N LEU A 524 -19.94 13.74 0.68
CA LEU A 524 -19.15 14.75 -0.04
C LEU A 524 -18.59 14.16 -1.34
N GLU A 525 -18.08 12.92 -1.25
CA GLU A 525 -17.62 12.16 -2.43
C GLU A 525 -18.72 11.99 -3.47
N LEU A 526 -19.95 11.70 -3.02
CA LEU A 526 -21.07 11.56 -3.95
C LEU A 526 -21.33 12.86 -4.71
N GLN A 527 -21.42 13.97 -3.97
CA GLN A 527 -21.52 15.30 -4.56
C GLN A 527 -20.47 15.51 -5.64
N ASN A 528 -19.26 15.01 -5.39
CA ASN A 528 -18.17 15.08 -6.35
C ASN A 528 -18.41 14.16 -7.55
N LEU A 529 -18.73 12.89 -7.28
CA LEU A 529 -18.99 11.93 -8.34
C LEU A 529 -20.09 12.39 -9.31
N MET A 530 -21.16 12.99 -8.76
CA MET A 530 -22.28 13.50 -9.56
C MET A 530 -21.89 14.59 -10.56
N LEU A 531 -21.06 15.54 -10.13
CA LEU A 531 -20.60 16.61 -11.01
C LEU A 531 -19.69 16.07 -12.11
N CYS A 532 -18.97 15.00 -11.80
CA CYS A 532 -18.17 14.32 -12.82
C CYS A 532 -19.09 13.52 -13.73
N ALA A 533 -20.15 12.96 -13.15
CA ALA A 533 -21.12 12.20 -13.93
C ALA A 533 -21.89 13.10 -14.89
N LEU A 534 -22.49 14.18 -14.37
CA LEU A 534 -23.26 15.12 -15.19
C LEU A 534 -22.47 15.49 -16.43
N GLN A 535 -21.23 15.92 -16.22
CA GLN A 535 -20.41 16.45 -17.30
C GLN A 535 -20.01 15.36 -18.30
N THR A 536 -19.66 14.18 -17.79
CA THR A 536 -19.32 13.06 -18.65
C THR A 536 -20.45 12.75 -19.63
N ILE A 537 -21.70 12.77 -19.12
CA ILE A 537 -22.86 12.28 -19.90
C ILE A 537 -23.49 13.33 -20.84
N TYR A 538 -23.60 14.57 -20.40
CA TYR A 538 -24.08 15.64 -21.25
C TYR A 538 -23.09 15.89 -22.38
N GLY A 539 -21.81 15.99 -22.03
CA GLY A 539 -20.74 16.12 -23.01
C GLY A 539 -20.73 14.98 -24.02
N ALA A 540 -20.91 13.75 -23.52
CA ALA A 540 -21.01 12.57 -24.37
C ALA A 540 -22.16 12.67 -25.37
N GLU A 541 -23.34 13.12 -24.92
CA GLU A 541 -24.51 13.17 -25.81
C GLU A 541 -24.38 14.26 -26.87
N ALA A 542 -23.57 15.27 -26.56
CA ALA A 542 -23.39 16.41 -27.45
C ALA A 542 -22.39 16.10 -28.56
N ARG A 543 -21.38 15.27 -28.26
CA ARG A 543 -20.39 14.89 -29.27
C ARG A 543 -20.97 13.92 -30.29
N LYS A 544 -21.21 14.43 -31.51
CA LYS A 544 -21.79 13.62 -32.59
C LYS A 544 -20.75 13.12 -33.60
N GLU A 545 -19.84 12.29 -33.09
CA GLU A 545 -18.80 11.61 -33.87
C GLU A 545 -18.29 10.39 -33.10
N SER A 546 -17.53 9.54 -33.79
CA SER A 546 -16.74 8.49 -33.13
C SER A 546 -15.25 8.84 -33.20
N ARG A 547 -14.62 8.98 -32.05
CA ARG A 547 -13.20 9.28 -31.93
C ARG A 547 -12.66 8.67 -30.65
N GLY A 548 -11.58 7.89 -30.79
CA GLY A 548 -10.93 7.28 -29.64
C GLY A 548 -11.93 6.46 -28.87
N ALA A 549 -12.02 6.70 -27.57
CA ALA A 549 -12.88 5.91 -26.67
C ALA A 549 -14.37 6.17 -26.87
N HIS A 550 -14.70 7.34 -27.41
CA HIS A 550 -16.08 7.73 -27.60
C HIS A 550 -16.57 7.20 -28.93
N ALA A 551 -17.27 6.07 -28.89
CA ALA A 551 -17.81 5.47 -30.09
C ALA A 551 -19.31 5.74 -30.17
N ARG A 552 -19.74 6.41 -31.23
CA ARG A 552 -21.15 6.62 -31.45
C ARG A 552 -21.61 5.68 -32.57
N GLU A 553 -22.78 5.09 -32.38
CA GLU A 553 -23.34 4.16 -33.34
C GLU A 553 -24.26 4.89 -34.33
N ASP A 554 -24.58 6.13 -33.99
CA ASP A 554 -25.32 7.03 -34.89
C ASP A 554 -24.38 7.94 -35.70
N PHE A 555 -23.13 8.03 -35.25
CA PHE A 555 -22.08 8.82 -35.92
C PHE A 555 -20.75 8.06 -35.88
N LYS A 556 -20.63 7.09 -36.79
CA LYS A 556 -19.47 6.21 -36.87
C LYS A 556 -18.20 6.94 -37.32
N GLU A 557 -18.39 8.12 -37.91
CA GLU A 557 -17.31 8.90 -38.51
C GLU A 557 -16.45 9.68 -37.51
N ARG A 558 -15.16 9.77 -37.82
CA ARG A 558 -14.24 10.73 -37.20
C ARG A 558 -14.42 12.03 -37.96
N VAL A 559 -14.98 13.04 -37.29
CA VAL A 559 -15.29 14.32 -37.95
C VAL A 559 -14.24 15.41 -37.65
N ASP A 560 -13.33 15.58 -38.60
CA ASP A 560 -12.21 16.51 -38.47
C ASP A 560 -12.48 17.82 -39.22
N GLU A 561 -11.47 18.65 -39.37
CA GLU A 561 -11.60 19.84 -40.21
C GLU A 561 -11.56 19.43 -41.68
N TYR A 562 -10.75 18.41 -41.98
CA TYR A 562 -10.66 17.84 -43.32
C TYR A 562 -11.15 16.39 -43.35
N ASP A 563 -11.44 15.90 -44.54
CA ASP A 563 -11.51 14.46 -44.77
C ASP A 563 -10.08 14.00 -45.00
N TYR A 564 -9.48 13.48 -43.93
CA TYR A 564 -8.05 13.22 -43.90
C TYR A 564 -7.59 11.93 -44.57
N SER A 565 -8.55 11.19 -45.14
CA SER A 565 -8.26 9.99 -45.89
C SER A 565 -7.64 10.32 -47.24
N LYS A 566 -8.21 11.33 -47.91
CA LYS A 566 -7.69 11.88 -49.16
C LYS A 566 -6.68 13.01 -48.88
N PRO A 567 -5.84 13.37 -49.87
CA PRO A 567 -4.99 14.56 -49.70
C PRO A 567 -5.87 15.81 -49.50
N ILE A 568 -5.38 16.77 -48.72
CA ILE A 568 -6.24 17.87 -48.26
C ILE A 568 -6.27 19.10 -49.17
N GLN A 569 -5.54 19.04 -50.28
CA GLN A 569 -5.30 20.23 -51.12
C GLN A 569 -6.54 20.98 -51.63
N GLY A 570 -7.19 20.44 -52.65
CA GLY A 570 -8.40 21.06 -53.19
C GLY A 570 -9.60 20.67 -52.33
N GLN A 571 -9.72 21.31 -51.18
CA GLN A 571 -10.68 20.90 -50.15
C GLN A 571 -10.94 22.05 -49.19
N GLN A 572 -12.20 22.22 -48.80
CA GLN A 572 -12.54 23.29 -47.86
C GLN A 572 -12.43 22.83 -46.42
N LYS A 573 -11.59 23.56 -45.67
CA LYS A 573 -11.43 23.38 -44.23
C LYS A 573 -12.76 23.75 -43.54
N LYS A 574 -13.25 22.86 -42.69
CA LYS A 574 -14.51 23.09 -41.99
C LYS A 574 -14.35 24.14 -40.88
N PRO A 575 -15.33 25.06 -40.77
CA PRO A 575 -15.38 25.98 -39.65
C PRO A 575 -15.30 25.24 -38.32
N PHE A 576 -14.84 25.95 -37.29
CA PHE A 576 -14.64 25.37 -35.98
C PHE A 576 -15.91 24.72 -35.42
N GLN A 577 -17.05 25.40 -35.52
CA GLN A 577 -18.29 24.88 -34.94
C GLN A 577 -19.06 23.95 -35.89
N GLU A 578 -18.36 23.43 -36.90
CA GLU A 578 -18.94 22.51 -37.87
C GLU A 578 -18.22 21.15 -37.85
N HIS A 579 -17.21 21.01 -37.01
CA HIS A 579 -16.51 19.73 -36.86
C HIS A 579 -16.36 19.35 -35.38
N TRP A 580 -15.52 18.35 -35.10
CA TRP A 580 -15.41 17.79 -33.75
C TRP A 580 -13.99 17.50 -33.29
N ARG A 581 -13.01 17.91 -34.08
CA ARG A 581 -11.62 17.81 -33.63
C ARG A 581 -11.32 19.03 -32.76
N LYS A 582 -11.80 18.95 -31.52
CA LYS A 582 -11.72 20.02 -30.55
C LYS A 582 -12.05 19.47 -29.15
N HIS A 583 -11.42 20.05 -28.13
CA HIS A 583 -11.68 19.69 -26.74
C HIS A 583 -13.05 20.16 -26.27
N THR A 584 -13.75 19.29 -25.58
CA THR A 584 -14.97 19.67 -24.86
C THR A 584 -14.63 20.41 -23.57
N LEU A 585 -15.22 21.59 -23.39
CA LEU A 585 -15.17 22.31 -22.13
C LEU A 585 -16.54 22.29 -21.48
N SER A 586 -16.62 21.65 -20.32
CA SER A 586 -17.89 21.45 -19.63
C SER A 586 -17.94 22.23 -18.34
N TYR A 587 -19.07 22.89 -18.11
CA TYR A 587 -19.34 23.64 -16.89
C TYR A 587 -20.59 23.07 -16.22
N VAL A 588 -20.75 23.31 -14.92
CA VAL A 588 -22.03 23.03 -14.28
C VAL A 588 -22.42 24.09 -13.24
N ASP A 589 -23.63 24.62 -13.37
CA ASP A 589 -24.28 25.40 -12.33
C ASP A 589 -24.62 24.44 -11.20
N VAL A 590 -24.00 24.63 -10.05
CA VAL A 590 -24.11 23.69 -8.95
C VAL A 590 -25.50 23.74 -8.31
N LYS A 591 -26.14 24.90 -8.35
CA LYS A 591 -27.48 25.09 -7.77
C LYS A 591 -28.56 24.22 -8.42
N THR A 592 -28.52 24.06 -9.74
CA THR A 592 -29.51 23.23 -10.46
C THR A 592 -28.93 22.02 -11.21
N GLY A 593 -27.59 21.88 -11.23
CA GLY A 593 -26.93 20.79 -11.95
C GLY A 593 -27.06 20.87 -13.46
N LYS A 594 -27.21 22.09 -13.97
CA LYS A 594 -27.35 22.32 -15.40
C LYS A 594 -25.96 22.31 -16.06
N VAL A 595 -25.80 21.53 -17.12
CA VAL A 595 -24.52 21.47 -17.81
C VAL A 595 -24.50 22.41 -18.99
N SER A 596 -23.58 23.36 -18.98
CA SER A 596 -23.26 24.18 -20.14
C SER A 596 -21.99 23.64 -20.77
N LEU A 597 -21.86 23.78 -22.07
CA LEU A 597 -20.70 23.25 -22.77
C LEU A 597 -20.17 24.12 -23.91
N GLU A 598 -18.85 24.06 -24.09
CA GLU A 598 -18.14 24.89 -25.03
C GLU A 598 -16.97 24.10 -25.59
N TYR A 599 -16.22 24.72 -26.50
CA TYR A 599 -15.12 24.02 -27.16
C TYR A 599 -13.91 24.88 -27.39
N ARG A 600 -12.73 24.27 -27.25
CA ARG A 600 -11.47 24.92 -27.62
C ARG A 600 -10.69 24.01 -28.57
N PRO A 601 -9.82 24.61 -29.41
CA PRO A 601 -9.08 23.82 -30.40
C PRO A 601 -8.00 22.98 -29.73
N VAL A 602 -7.54 21.94 -30.41
CA VAL A 602 -6.40 21.18 -29.91
C VAL A 602 -5.13 21.80 -30.44
N ILE A 603 -4.06 21.69 -29.65
CA ILE A 603 -2.78 22.20 -30.06
C ILE A 603 -2.02 21.18 -30.94
N ASP A 604 -1.78 21.58 -32.18
CA ASP A 604 -1.14 20.73 -33.18
C ASP A 604 0.35 20.97 -33.25
N LYS A 605 0.76 22.22 -33.16
CA LYS A 605 2.19 22.54 -33.20
C LYS A 605 2.86 21.98 -31.94
N THR A 606 4.11 21.54 -32.12
CA THR A 606 4.91 21.00 -31.03
C THR A 606 5.66 22.14 -30.36
N LEU A 607 6.65 21.81 -29.54
CA LEU A 607 7.48 22.83 -28.90
C LEU A 607 8.56 23.34 -29.83
N ASN A 608 8.89 22.51 -30.84
CA ASN A 608 9.88 22.85 -31.85
C ASN A 608 9.72 21.93 -33.06
N GLU A 609 9.25 22.49 -34.17
CA GLU A 609 9.04 21.71 -35.40
C GLU A 609 10.33 21.02 -35.84
N ALA A 610 11.43 21.74 -35.66
CA ALA A 610 12.77 21.30 -36.05
C ALA A 610 13.17 20.01 -35.35
N ASP A 611 12.86 19.88 -34.05
CA ASP A 611 13.25 18.70 -33.27
C ASP A 611 12.16 17.63 -33.29
N CYS A 612 10.93 18.02 -33.60
CA CYS A 612 9.78 17.12 -33.48
C CYS A 612 8.61 17.60 -34.35
N ALA A 613 8.38 16.90 -35.46
CA ALA A 613 7.42 17.35 -36.47
C ALA A 613 5.98 17.01 -36.11
N THR A 614 5.09 17.98 -36.29
CA THR A 614 3.63 17.77 -36.17
C THR A 614 3.18 16.59 -37.02
N VAL A 615 2.48 15.67 -36.37
CA VAL A 615 1.86 14.57 -37.06
C VAL A 615 0.44 15.02 -37.36
N PRO A 616 0.14 15.26 -38.65
CA PRO A 616 -1.21 15.69 -38.98
C PRO A 616 -2.18 14.51 -38.83
N PRO A 617 -3.48 14.79 -38.73
CA PRO A 617 -4.46 13.71 -38.61
C PRO A 617 -4.48 12.77 -39.82
N ALA A 618 -4.72 11.49 -39.56
CA ALA A 618 -4.86 10.47 -40.61
C ALA A 618 -5.95 9.50 -40.20
N ILE A 619 -6.36 8.63 -41.13
CA ILE A 619 -7.16 7.47 -40.73
C ILE A 619 -6.29 6.61 -39.85
N ARG A 620 -6.76 6.39 -38.64
CA ARG A 620 -5.99 5.73 -37.60
C ARG A 620 -6.53 4.33 -37.35
N SER A 621 -5.73 3.32 -37.69
CA SER A 621 -6.09 1.95 -37.37
C SER A 621 -4.85 1.21 -36.85
N TYR A 622 -5.07 0.05 -36.24
CA TYR A 622 -3.98 -0.81 -35.77
C TYR A 622 -4.06 -2.19 -36.41
N PRO B 9 -31.87 -18.45 0.61
CA PRO B 9 -31.17 -17.50 1.47
C PRO B 9 -30.12 -18.17 2.34
N ARG B 10 -29.07 -17.43 2.70
CA ARG B 10 -27.96 -17.92 3.52
C ARG B 10 -27.43 -16.82 4.46
N ILE B 11 -27.86 -16.85 5.71
CA ILE B 11 -27.54 -15.76 6.65
C ILE B 11 -26.27 -15.99 7.49
N LYS B 12 -25.30 -15.10 7.31
CA LYS B 12 -24.04 -15.13 8.07
C LYS B 12 -23.96 -13.98 9.07
N LYS B 13 -23.57 -14.33 10.31
CA LYS B 13 -23.46 -13.36 11.40
C LYS B 13 -22.06 -12.75 11.48
N PHE B 14 -22.01 -11.44 11.71
CA PHE B 14 -20.76 -10.71 11.91
C PHE B 14 -20.79 -9.97 13.24
N ALA B 15 -19.73 -10.13 14.03
CA ALA B 15 -19.54 -9.38 15.27
C ALA B 15 -18.31 -8.48 15.16
N ILE B 16 -18.54 -7.17 15.20
CA ILE B 16 -17.47 -6.20 14.93
C ILE B 16 -17.21 -5.28 16.11
N TYR B 17 -15.92 -4.98 16.34
CA TYR B 17 -15.47 -4.10 17.41
C TYR B 17 -15.95 -2.66 17.21
N ARG B 18 -16.66 -2.14 18.20
CA ARG B 18 -17.25 -0.80 18.11
C ARG B 18 -16.67 0.18 19.12
N TRP B 19 -16.50 1.42 18.70
CA TRP B 19 -16.25 2.53 19.62
C TRP B 19 -16.41 3.90 18.95
N ASP B 20 -17.12 4.80 19.64
CA ASP B 20 -17.39 6.15 19.16
C ASP B 20 -16.71 7.19 20.05
N PRO B 21 -15.68 7.89 19.52
CA PRO B 21 -15.00 8.93 20.29
C PRO B 21 -15.84 10.19 20.51
N ASP B 22 -16.98 10.28 19.81
CA ASP B 22 -17.86 11.46 19.87
C ASP B 22 -19.10 11.25 20.75
N LYS B 23 -19.35 10.00 21.14
CA LYS B 23 -20.44 9.67 22.07
C LYS B 23 -19.92 9.64 23.52
N THR B 24 -20.55 10.40 24.41
CA THR B 24 -20.10 10.46 25.79
C THR B 24 -20.32 9.12 26.49
N GLY B 25 -19.28 8.64 27.17
CA GLY B 25 -19.36 7.45 28.01
C GLY B 25 -19.48 6.13 27.27
N ASP B 26 -19.15 6.12 25.98
CA ASP B 26 -19.15 4.89 25.20
C ASP B 26 -17.86 4.10 25.45
N LYS B 27 -17.97 2.78 25.60
CA LYS B 27 -16.79 1.93 25.73
C LYS B 27 -16.77 0.90 24.59
N PRO B 28 -15.63 0.20 24.39
CA PRO B 28 -15.53 -0.79 23.31
C PRO B 28 -16.47 -2.01 23.48
N HIS B 29 -17.53 -2.03 22.67
CA HIS B 29 -18.48 -3.15 22.64
C HIS B 29 -18.50 -3.81 21.25
N MET B 30 -19.24 -4.92 21.15
CA MET B 30 -19.32 -5.69 19.91
C MET B 30 -20.73 -5.59 19.38
N GLN B 31 -20.87 -5.07 18.16
CA GLN B 31 -22.16 -5.06 17.48
C GLN B 31 -22.22 -6.21 16.51
N THR B 32 -23.37 -6.87 16.49
CA THR B 32 -23.60 -8.01 15.61
C THR B 32 -24.49 -7.60 14.44
N TYR B 33 -24.12 -8.05 13.24
CA TYR B 33 -24.92 -7.81 12.04
C TYR B 33 -25.25 -9.15 11.39
N GLU B 34 -26.04 -9.14 10.33
CA GLU B 34 -26.28 -10.37 9.57
C GLU B 34 -26.46 -10.13 8.07
N ILE B 35 -25.69 -10.88 7.29
CA ILE B 35 -25.54 -10.66 5.86
C ILE B 35 -25.90 -11.92 5.10
N ASP B 36 -26.80 -11.79 4.13
CA ASP B 36 -27.09 -12.88 3.21
C ASP B 36 -25.95 -12.94 2.21
N LEU B 37 -25.18 -14.04 2.27
CA LEU B 37 -24.01 -14.22 1.40
C LEU B 37 -24.40 -14.41 -0.06
N ASN B 38 -25.65 -14.75 -0.29
CA ASN B 38 -26.21 -14.75 -1.64
C ASN B 38 -26.05 -13.39 -2.34
N ASN B 39 -26.15 -12.32 -1.55
CA ASN B 39 -26.20 -10.96 -2.08
C ASN B 39 -24.97 -10.12 -1.73
N CYS B 40 -23.81 -10.76 -1.72
CA CYS B 40 -22.58 -10.16 -1.22
C CYS B 40 -21.35 -10.75 -1.90
N GLY B 41 -20.37 -9.91 -2.25
CA GLY B 41 -19.07 -10.38 -2.73
C GLY B 41 -18.41 -11.32 -1.74
N PRO B 42 -17.52 -12.21 -2.22
CA PRO B 42 -17.04 -13.29 -1.35
C PRO B 42 -16.11 -12.89 -0.19
N MET B 43 -15.60 -11.67 -0.19
CA MET B 43 -14.62 -11.19 0.81
C MET B 43 -15.21 -10.40 1.99
N VAL B 44 -14.45 -10.35 3.09
CA VAL B 44 -14.89 -9.71 4.33
C VAL B 44 -15.15 -8.21 4.14
N LEU B 45 -14.33 -7.54 3.35
CA LEU B 45 -14.58 -6.12 3.06
C LEU B 45 -15.91 -5.93 2.32
N ASP B 46 -16.24 -6.85 1.42
CA ASP B 46 -17.51 -6.81 0.72
C ASP B 46 -18.62 -6.73 1.78
N ALA B 47 -18.50 -7.60 2.79
CA ALA B 47 -19.44 -7.66 3.91
C ALA B 47 -19.46 -6.35 4.68
N LEU B 48 -18.28 -5.89 5.07
CA LEU B 48 -18.15 -4.60 5.76
C LEU B 48 -18.85 -3.47 4.97
N ILE B 49 -18.48 -3.31 3.70
CA ILE B 49 -19.08 -2.31 2.82
C ILE B 49 -20.60 -2.51 2.74
N LYS B 50 -21.03 -3.77 2.60
CA LYS B 50 -22.45 -4.09 2.51
C LYS B 50 -23.24 -3.68 3.75
N ILE B 51 -22.75 -3.98 4.96
CA ILE B 51 -23.49 -3.61 6.18
C ILE B 51 -23.48 -2.09 6.35
N LYS B 52 -22.34 -1.47 6.03
CA LYS B 52 -22.20 -0.03 6.02
C LYS B 52 -23.21 0.64 5.08
N ASN B 53 -23.34 0.09 3.87
CA ASN B 53 -24.22 0.64 2.82
C ASN B 53 -25.71 0.35 2.99
N GLU B 54 -26.06 -0.64 3.81
CA GLU B 54 -27.43 -1.15 3.87
C GLU B 54 -27.98 -1.27 5.29
N ILE B 55 -27.12 -1.63 6.24
CA ILE B 55 -27.55 -1.86 7.62
C ILE B 55 -27.25 -0.69 8.56
N ASP B 56 -26.00 -0.22 8.58
CA ASP B 56 -25.58 0.88 9.46
C ASP B 56 -24.36 1.61 8.91
N SER B 57 -24.52 2.89 8.58
CA SER B 57 -23.44 3.67 7.97
C SER B 57 -22.55 4.39 9.00
N THR B 58 -22.64 3.93 10.24
CA THR B 58 -21.74 4.36 11.31
C THR B 58 -20.49 3.49 11.29
N LEU B 59 -20.56 2.32 10.64
CA LEU B 59 -19.41 1.43 10.64
C LEU B 59 -18.24 2.08 9.92
N THR B 60 -17.24 2.48 10.69
CA THR B 60 -16.13 3.24 10.14
C THR B 60 -14.86 2.41 10.06
N PHE B 61 -14.32 2.34 8.86
CA PHE B 61 -13.13 1.55 8.57
C PHE B 61 -12.45 2.12 7.36
N ARG B 62 -11.16 1.80 7.21
CA ARG B 62 -10.34 2.24 6.10
C ARG B 62 -10.45 1.23 4.94
N ARG B 63 -10.56 1.75 3.71
CA ARG B 63 -10.46 0.93 2.50
C ARG B 63 -10.22 1.81 1.30
N SER B 64 -9.62 1.24 0.26
CA SER B 64 -9.43 1.97 -0.99
C SER B 64 -9.42 1.02 -2.19
N CYS B 65 -8.47 0.09 -2.19
CA CYS B 65 -8.07 -0.59 -3.43
C CYS B 65 -8.93 -1.77 -3.83
N ARG B 66 -9.43 -2.51 -2.84
CA ARG B 66 -10.38 -3.59 -3.10
C ARG B 66 -9.68 -4.88 -3.64
N GLU B 67 -8.39 -4.78 -3.98
CA GLU B 67 -7.61 -5.91 -4.52
C GLU B 67 -6.34 -6.28 -3.71
N GLY B 68 -6.14 -5.62 -2.57
CA GLY B 68 -5.02 -5.92 -1.67
C GLY B 68 -3.61 -5.47 -2.09
N ILE B 69 -3.44 -4.19 -2.43
CA ILE B 69 -2.10 -3.59 -2.65
C ILE B 69 -1.96 -2.28 -1.89
N CYS B 70 -3.09 -1.64 -1.60
CA CYS B 70 -3.05 -0.36 -0.87
C CYS B 70 -2.72 -0.59 0.60
N GLY B 71 -3.23 -1.70 1.15
CA GLY B 71 -3.02 -2.05 2.54
C GLY B 71 -3.86 -1.28 3.54
N SER B 72 -4.87 -0.58 3.04
CA SER B 72 -5.73 0.25 3.88
C SER B 72 -6.58 -0.56 4.86
N CYS B 73 -7.19 -1.64 4.38
CA CYS B 73 -8.21 -2.37 5.15
C CYS B 73 -7.69 -3.41 6.16
N ALA B 74 -6.43 -3.30 6.55
CA ALA B 74 -5.81 -4.25 7.47
C ALA B 74 -6.56 -4.28 8.80
N MET B 75 -6.80 -5.47 9.33
CA MET B 75 -7.56 -5.64 10.58
C MET B 75 -7.51 -7.09 11.04
N ASN B 76 -7.77 -7.30 12.33
CA ASN B 76 -7.79 -8.65 12.90
C ASN B 76 -9.12 -9.34 12.64
N ILE B 77 -9.10 -10.24 11.66
CA ILE B 77 -10.26 -11.05 11.30
C ILE B 77 -10.10 -12.44 11.88
N ASN B 78 -11.03 -12.82 12.75
CA ASN B 78 -11.08 -14.16 13.38
C ASN B 78 -9.74 -14.63 13.91
N GLY B 79 -9.06 -13.75 14.66
CA GLY B 79 -7.83 -14.08 15.33
C GLY B 79 -6.58 -13.55 14.66
N GLY B 80 -6.57 -13.51 13.33
CA GLY B 80 -5.37 -13.14 12.60
C GLY B 80 -5.47 -11.78 11.94
N ASN B 81 -4.34 -11.10 11.82
CA ASN B 81 -4.25 -9.87 11.04
C ASN B 81 -4.16 -10.19 9.55
N THR B 82 -5.10 -9.66 8.76
CA THR B 82 -4.99 -9.65 7.29
C THR B 82 -5.74 -8.47 6.70
N LEU B 83 -5.87 -8.53 5.37
CA LEU B 83 -6.64 -7.57 4.60
C LEU B 83 -8.01 -8.17 4.31
N ALA B 84 -9.05 -7.41 4.65
CA ALA B 84 -10.43 -7.88 4.54
C ALA B 84 -10.86 -8.07 3.09
N CYS B 85 -10.21 -7.37 2.18
CA CYS B 85 -10.53 -7.42 0.75
C CYS B 85 -9.93 -8.66 0.03
N THR B 86 -9.10 -9.40 0.76
CA THR B 86 -8.30 -10.48 0.20
C THR B 86 -8.62 -11.84 0.87
N ARG B 87 -9.25 -11.78 2.04
CA ARG B 87 -9.68 -12.96 2.78
C ARG B 87 -11.15 -13.26 2.51
N ARG B 88 -11.45 -14.53 2.24
CA ARG B 88 -12.83 -14.94 1.99
C ARG B 88 -13.62 -15.09 3.29
N ILE B 89 -14.92 -14.79 3.22
CA ILE B 89 -15.85 -15.04 4.31
C ILE B 89 -16.02 -16.55 4.46
N ASP B 90 -15.99 -17.03 5.70
CA ASP B 90 -16.19 -18.45 6.00
C ASP B 90 -17.66 -18.78 5.72
N THR B 91 -17.90 -19.54 4.65
CA THR B 91 -19.26 -19.88 4.21
C THR B 91 -20.04 -20.64 5.29
N ASN B 92 -19.30 -21.14 6.28
CA ASN B 92 -19.88 -21.80 7.44
C ASN B 92 -20.76 -20.86 8.25
N LEU B 93 -22.05 -21.16 8.25
CA LEU B 93 -23.06 -20.31 8.89
C LEU B 93 -23.13 -20.52 10.40
N ASP B 94 -22.65 -21.66 10.87
CA ASP B 94 -22.67 -22.00 12.30
C ASP B 94 -21.57 -21.27 13.05
N LYS B 95 -20.80 -20.46 12.31
CA LYS B 95 -19.74 -19.63 12.86
C LYS B 95 -20.06 -18.15 12.66
N VAL B 96 -19.71 -17.35 13.66
CA VAL B 96 -19.90 -15.91 13.61
C VAL B 96 -18.55 -15.21 13.42
N SER B 97 -18.45 -14.37 12.38
CA SER B 97 -17.23 -13.62 12.12
C SER B 97 -16.97 -12.57 13.20
N LYS B 98 -15.90 -12.76 13.97
CA LYS B 98 -15.48 -11.78 14.94
C LYS B 98 -14.44 -10.86 14.30
N ILE B 99 -14.77 -9.57 14.19
CA ILE B 99 -13.87 -8.58 13.58
C ILE B 99 -13.41 -7.53 14.58
N TYR B 100 -12.08 -7.33 14.62
CA TYR B 100 -11.45 -6.38 15.53
C TYR B 100 -10.44 -5.50 14.78
N PRO B 101 -10.08 -4.35 15.37
CA PRO B 101 -9.01 -3.56 14.77
C PRO B 101 -7.64 -4.16 15.10
N LEU B 102 -6.62 -3.77 14.35
CA LEU B 102 -5.26 -4.27 14.54
C LEU B 102 -4.88 -4.29 16.05
N PRO B 103 -4.26 -5.38 16.52
CA PRO B 103 -3.98 -5.57 17.94
C PRO B 103 -3.02 -4.56 18.57
N HIS B 104 -3.38 -4.18 19.79
CA HIS B 104 -2.59 -3.30 20.64
C HIS B 104 -2.30 -1.95 19.99
N MET B 105 -3.37 -1.28 19.59
CA MET B 105 -3.29 0.03 18.97
C MET B 105 -4.33 0.98 19.54
N TYR B 106 -4.04 2.27 19.53
CA TYR B 106 -5.02 3.25 19.97
C TYR B 106 -6.09 3.32 18.91
N VAL B 107 -7.32 3.08 19.33
CA VAL B 107 -8.45 3.08 18.41
C VAL B 107 -8.99 4.50 18.27
N ILE B 108 -8.84 5.07 17.08
CA ILE B 108 -9.33 6.42 16.80
C ILE B 108 -10.83 6.36 16.89
N LYS B 109 -11.38 5.39 16.17
CA LYS B 109 -12.81 5.12 16.09
C LYS B 109 -12.87 3.75 15.44
N ASP B 110 -13.50 2.78 16.11
CA ASP B 110 -13.60 1.37 15.67
C ASP B 110 -12.85 0.97 14.39
N LEU B 111 -12.07 -0.11 14.43
CA LEU B 111 -11.37 -0.62 13.24
C LEU B 111 -10.31 0.32 12.63
N VAL B 112 -10.39 1.61 12.94
CA VAL B 112 -9.42 2.60 12.46
C VAL B 112 -8.36 2.92 13.55
N PRO B 113 -7.15 2.34 13.39
CA PRO B 113 -6.09 2.46 14.40
C PRO B 113 -5.02 3.51 14.04
N ASP B 114 -4.56 4.25 15.04
CA ASP B 114 -3.53 5.26 14.82
C ASP B 114 -2.21 4.63 14.38
N LEU B 115 -1.86 4.83 13.12
CA LEU B 115 -0.64 4.28 12.56
C LEU B 115 0.48 5.33 12.46
N SER B 116 0.28 6.50 13.07
CA SER B 116 1.29 7.59 13.06
C SER B 116 2.66 7.10 13.49
N ASN B 117 2.70 6.35 14.60
CA ASN B 117 3.94 5.84 15.13
C ASN B 117 4.54 4.83 14.19
N PHE B 118 3.66 3.98 13.63
CA PHE B 118 4.10 3.01 12.67
C PHE B 118 4.85 3.71 11.52
N TYR B 119 4.18 4.67 10.88
CA TYR B 119 4.78 5.43 9.77
C TYR B 119 6.03 6.18 10.19
N ALA B 120 6.02 6.72 11.41
CA ALA B 120 7.19 7.45 11.94
C ALA B 120 8.42 6.55 12.02
N GLN B 121 8.25 5.33 12.53
CA GLN B 121 9.32 4.33 12.55
C GLN B 121 9.90 4.07 11.15
N TYR B 122 9.01 3.92 10.17
CA TYR B 122 9.41 3.74 8.78
C TYR B 122 10.30 4.91 8.32
N LYS B 123 9.86 6.12 8.64
CA LYS B 123 10.63 7.30 8.32
C LYS B 123 12.00 7.28 8.99
N SER B 124 12.10 6.64 10.15
CA SER B 124 13.31 6.75 10.98
C SER B 124 14.51 5.98 10.44
N ILE B 125 14.23 5.08 9.48
CA ILE B 125 15.27 4.22 8.90
C ILE B 125 15.64 4.64 7.48
N GLU B 126 15.13 5.79 7.06
CA GLU B 126 15.49 6.42 5.77
C GLU B 126 15.32 5.45 4.60
N PRO B 127 14.07 5.13 4.27
CA PRO B 127 13.78 4.16 3.23
C PRO B 127 13.85 4.75 1.83
N TYR B 128 15.07 5.01 1.36
CA TYR B 128 15.35 5.53 0.02
C TYR B 128 16.81 5.30 -0.34
N LEU B 129 17.13 5.32 -1.63
CA LEU B 129 18.50 5.14 -2.09
C LEU B 129 19.37 6.27 -1.58
N LYS B 130 20.45 5.90 -0.90
CA LYS B 130 21.45 6.86 -0.43
C LYS B 130 22.77 6.69 -1.16
N LYS B 131 23.31 7.79 -1.68
CA LYS B 131 24.61 7.77 -2.37
C LYS B 131 25.63 8.69 -1.71
N LYS B 132 26.88 8.21 -1.64
CA LYS B 132 28.01 9.00 -1.11
C LYS B 132 28.26 10.21 -2.00
N ASP B 133 28.24 9.99 -3.31
CA ASP B 133 28.34 11.05 -4.29
C ASP B 133 26.98 11.16 -5.00
N GLU B 134 26.22 12.18 -4.64
CA GLU B 134 24.84 12.34 -5.13
C GLU B 134 24.80 13.31 -6.32
N SER B 135 25.97 13.68 -6.84
CA SER B 135 26.05 14.72 -7.87
C SER B 135 25.78 14.22 -9.28
N GLN B 136 25.81 12.90 -9.49
CA GLN B 136 25.56 12.36 -10.83
C GLN B 136 24.12 11.86 -10.97
N GLU B 137 23.32 11.98 -9.92
CA GLU B 137 21.96 11.42 -9.94
C GLU B 137 21.04 12.10 -10.98
N GLY B 138 20.13 11.30 -11.51
CA GLY B 138 19.18 11.75 -12.54
C GLY B 138 19.76 11.76 -13.94
N LYS B 139 21.08 11.63 -14.06
CA LYS B 139 21.70 11.64 -15.39
C LYS B 139 21.64 10.26 -16.05
N GLN B 140 22.33 9.27 -15.49
CA GLN B 140 22.32 7.91 -16.08
C GLN B 140 21.68 6.88 -15.17
N GLN B 141 21.18 5.79 -15.76
CA GLN B 141 20.59 4.69 -14.98
C GLN B 141 21.67 3.84 -14.29
N TYR B 142 21.45 3.53 -13.01
CA TYR B 142 22.35 2.66 -12.26
C TYR B 142 22.23 1.24 -12.78
N LEU B 143 23.36 0.55 -12.89
CA LEU B 143 23.36 -0.83 -13.34
C LEU B 143 23.16 -1.74 -12.15
N GLN B 144 22.35 -2.78 -12.33
CA GLN B 144 22.10 -3.80 -11.30
C GLN B 144 21.81 -5.12 -12.01
N SER B 145 22.61 -6.14 -11.69
CA SER B 145 22.52 -7.42 -12.37
C SER B 145 21.20 -8.10 -12.06
N ILE B 146 20.76 -8.99 -12.94
CA ILE B 146 19.58 -9.81 -12.66
C ILE B 146 19.71 -10.51 -11.28
N GLU B 147 20.88 -11.08 -11.00
CA GLU B 147 21.15 -11.71 -9.70
C GLU B 147 20.96 -10.72 -8.53
N GLU B 148 21.61 -9.55 -8.62
CA GLU B 148 21.52 -8.50 -7.58
C GLU B 148 20.09 -8.00 -7.38
N ARG B 149 19.31 -8.01 -8.45
CA ARG B 149 17.92 -7.59 -8.39
C ARG B 149 17.07 -8.57 -7.58
N GLU B 150 17.20 -9.89 -7.85
CA GLU B 150 16.47 -10.97 -7.14
C GLU B 150 16.51 -10.85 -5.62
N LYS B 151 17.66 -10.45 -5.07
CA LYS B 151 17.80 -10.28 -3.64
C LYS B 151 16.71 -9.39 -3.05
N LEU B 152 16.08 -8.57 -3.90
CA LEU B 152 14.97 -7.74 -3.45
C LEU B 152 13.60 -8.43 -3.48
N ASP B 153 13.48 -9.53 -4.21
CA ASP B 153 12.21 -10.24 -4.27
C ASP B 153 11.79 -10.72 -2.87
N GLY B 154 10.49 -10.70 -2.61
CA GLY B 154 9.97 -10.98 -1.28
C GLY B 154 10.27 -9.91 -0.22
N LEU B 155 10.85 -8.78 -0.63
CA LEU B 155 11.09 -7.67 0.29
C LEU B 155 10.42 -6.39 -0.16
N TYR B 156 10.52 -6.10 -1.47
CA TYR B 156 9.97 -4.86 -2.05
C TYR B 156 8.44 -4.86 -2.07
N GLU B 157 7.83 -6.03 -1.93
CA GLU B 157 6.38 -6.16 -2.14
C GLU B 157 5.54 -5.67 -0.96
N CYS B 158 6.20 -5.34 0.13
CA CYS B 158 5.53 -4.83 1.33
C CYS B 158 4.53 -3.71 1.04
N ILE B 159 3.44 -3.74 1.79
CA ILE B 159 2.31 -2.88 1.53
C ILE B 159 2.20 -1.80 2.63
N LEU B 160 3.04 -1.91 3.64
CA LEU B 160 2.94 -1.11 4.87
C LEU B 160 1.53 -1.17 5.48
N CYS B 161 0.95 -2.37 5.46
CA CYS B 161 -0.39 -2.63 6.00
C CYS B 161 -0.34 -2.82 7.51
N ALA B 162 0.79 -3.31 8.01
CA ALA B 162 1.08 -3.33 9.45
C ALA B 162 0.55 -4.57 10.17
N CYS B 163 0.02 -5.51 9.39
CA CYS B 163 -0.51 -6.73 9.97
C CYS B 163 0.57 -7.38 10.82
N CYS B 164 1.78 -7.44 10.27
CA CYS B 164 2.85 -8.18 10.90
C CYS B 164 3.28 -7.53 12.19
N SER B 165 3.71 -6.28 12.16
CA SER B 165 4.17 -5.59 13.38
C SER B 165 3.09 -5.59 14.45
N THR B 166 1.86 -5.52 13.99
CA THR B 166 0.74 -5.35 14.87
C THR B 166 0.38 -6.72 15.48
N SER B 167 1.12 -7.74 15.05
CA SER B 167 0.95 -9.10 15.54
C SER B 167 2.10 -9.54 16.44
N CYS B 168 3.21 -8.79 16.43
CA CYS B 168 4.38 -9.12 17.24
C CYS B 168 4.18 -8.71 18.69
N PRO B 169 4.12 -9.68 19.60
CA PRO B 169 3.93 -9.31 21.01
C PRO B 169 5.04 -8.39 21.52
N SER B 170 6.23 -8.48 20.93
CA SER B 170 7.32 -7.58 21.25
C SER B 170 6.96 -6.14 20.86
N TYR B 171 6.20 -6.00 19.77
CA TYR B 171 5.72 -4.70 19.33
C TYR B 171 4.56 -4.24 20.23
N TRP B 172 3.78 -5.19 20.74
CA TRP B 172 2.73 -4.84 21.70
C TRP B 172 3.35 -4.21 22.95
N TRP B 173 4.25 -4.97 23.58
CA TRP B 173 4.84 -4.52 24.82
C TRP B 173 5.71 -3.29 24.57
N ASN B 174 6.43 -3.26 23.47
CA ASN B 174 7.46 -2.26 23.30
C ASN B 174 7.37 -1.37 22.06
N GLY B 175 6.14 -1.01 21.70
CA GLY B 175 5.86 -0.27 20.47
C GLY B 175 6.63 1.04 20.31
N ASP B 176 7.07 1.61 21.43
CA ASP B 176 7.76 2.89 21.41
C ASP B 176 9.16 2.80 20.80
N LYS B 177 9.95 1.84 21.27
CA LYS B 177 11.37 1.80 20.94
C LYS B 177 11.74 0.72 19.93
N TYR B 178 10.95 -0.35 19.88
CA TYR B 178 11.20 -1.45 18.96
C TYR B 178 10.53 -1.26 17.59
N LEU B 179 11.37 -1.21 16.55
CA LEU B 179 10.96 -0.83 15.19
C LEU B 179 9.94 -1.74 14.55
N GLY B 180 10.00 -3.03 14.89
CA GLY B 180 9.03 -3.99 14.37
C GLY B 180 9.38 -4.59 13.00
N PRO B 181 8.76 -5.75 12.68
CA PRO B 181 9.06 -6.51 11.47
C PRO B 181 8.90 -5.72 10.19
N ALA B 182 7.78 -5.03 10.01
CA ALA B 182 7.56 -4.28 8.77
C ALA B 182 8.72 -3.33 8.50
N VAL B 183 9.01 -2.48 9.48
CA VAL B 183 10.08 -1.51 9.31
C VAL B 183 11.43 -2.23 9.16
N LEU B 184 11.73 -3.18 10.04
CA LEU B 184 13.02 -3.88 9.98
C LEU B 184 13.27 -4.56 8.62
N MET B 185 12.24 -5.18 8.06
CA MET B 185 12.39 -5.79 6.75
C MET B 185 12.74 -4.74 5.67
N GLN B 186 12.27 -3.52 5.84
CA GLN B 186 12.55 -2.50 4.84
C GLN B 186 13.94 -1.97 5.02
N ALA B 187 14.42 -1.95 6.27
CA ALA B 187 15.80 -1.58 6.54
C ALA B 187 16.70 -2.57 5.80
N TYR B 188 16.34 -3.84 5.88
CA TYR B 188 17.09 -4.90 5.23
C TYR B 188 16.97 -4.80 3.71
N ARG B 189 15.78 -4.43 3.24
CA ARG B 189 15.53 -4.22 1.82
C ARG B 189 16.56 -3.28 1.23
N TRP B 190 16.82 -2.19 1.96
CA TRP B 190 17.81 -1.20 1.54
C TRP B 190 19.23 -1.67 1.80
N MET B 191 19.43 -2.42 2.88
CA MET B 191 20.74 -2.98 3.21
C MET B 191 21.38 -3.80 2.08
N ILE B 192 20.58 -4.63 1.41
CA ILE B 192 21.13 -5.55 0.41
C ILE B 192 20.83 -5.14 -1.02
N ASP B 193 20.19 -3.98 -1.19
CA ASP B 193 20.04 -3.36 -2.49
C ASP B 193 21.43 -2.88 -2.93
N SER B 194 22.00 -3.53 -3.94
CA SER B 194 23.38 -3.28 -4.34
C SER B 194 23.68 -1.83 -4.75
N ARG B 195 22.66 -1.08 -5.15
CA ARG B 195 22.82 0.36 -5.46
C ARG B 195 23.03 1.28 -4.24
N ASP B 196 22.69 0.81 -3.04
CA ASP B 196 22.81 1.64 -1.85
C ASP B 196 24.26 1.68 -1.34
N ASP B 197 24.65 2.81 -0.74
CA ASP B 197 26.03 3.00 -0.28
C ASP B 197 26.14 3.06 1.25
N PHE B 198 25.00 3.09 1.92
CA PHE B 198 24.96 3.35 3.36
C PHE B 198 24.59 2.14 4.23
N THR B 199 25.00 0.95 3.78
CA THR B 199 24.70 -0.31 4.47
C THR B 199 25.31 -0.33 5.87
N GLU B 200 26.61 -0.03 5.97
CA GLU B 200 27.32 -0.01 7.24
C GLU B 200 26.67 0.94 8.24
N GLU B 201 26.17 2.06 7.77
CA GLU B 201 25.51 3.00 8.68
C GLU B 201 24.03 2.67 8.97
N ARG B 202 23.35 2.02 8.03
CA ARG B 202 21.98 1.56 8.30
C ARG B 202 22.00 0.49 9.38
N LEU B 203 23.11 -0.24 9.45
CA LEU B 203 23.30 -1.25 10.48
C LEU B 203 23.48 -0.58 11.82
N ALA B 204 24.35 0.43 11.84
CA ALA B 204 24.72 1.13 13.05
C ALA B 204 23.51 1.82 13.71
N LYS B 205 22.50 2.13 12.92
CA LYS B 205 21.27 2.75 13.44
C LYS B 205 20.48 1.83 14.36
N LEU B 206 20.92 0.58 14.47
CA LEU B 206 20.19 -0.49 15.17
C LEU B 206 20.92 -0.96 16.40
N GLN B 207 22.07 -0.33 16.64
CA GLN B 207 22.95 -0.68 17.74
C GLN B 207 22.43 -0.13 19.06
N ASP B 208 21.30 -0.68 19.49
CA ASP B 208 20.76 -0.45 20.83
C ASP B 208 19.95 -1.67 21.23
N PRO B 209 19.65 -1.83 22.53
CA PRO B 209 18.87 -2.99 22.97
C PRO B 209 17.44 -3.09 22.41
N PHE B 210 16.95 -2.07 21.72
CA PHE B 210 15.53 -2.03 21.38
C PHE B 210 15.16 -2.11 19.90
N SER B 211 15.66 -1.18 19.11
CA SER B 211 15.21 -1.01 17.72
C SER B 211 15.01 -2.32 16.94
N LEU B 212 15.95 -3.25 17.08
CA LEU B 212 15.90 -4.56 16.43
C LEU B 212 15.78 -5.72 17.45
N TYR B 213 16.62 -5.65 18.49
CA TYR B 213 16.82 -6.78 19.40
C TYR B 213 15.69 -7.11 20.37
N ARG B 214 14.51 -6.56 20.13
CA ARG B 214 13.33 -6.99 20.89
C ARG B 214 12.68 -8.15 20.18
N CYS B 215 13.14 -8.42 18.95
CA CYS B 215 12.75 -9.63 18.26
C CYS B 215 13.41 -10.86 18.88
N HIS B 216 12.58 -11.73 19.43
CA HIS B 216 13.03 -13.01 19.94
C HIS B 216 12.60 -14.17 19.02
N THR B 217 12.53 -13.93 17.71
CA THR B 217 12.08 -14.94 16.72
C THR B 217 10.76 -15.66 17.04
N ILE B 218 9.68 -14.90 17.29
CA ILE B 218 8.36 -15.49 17.62
C ILE B 218 7.64 -15.95 16.37
N MET B 219 7.76 -15.15 15.31
CA MET B 219 7.31 -15.54 13.98
C MET B 219 5.82 -15.39 13.71
N ASN B 220 5.07 -14.68 14.55
CA ASN B 220 3.72 -14.27 14.18
C ASN B 220 3.72 -13.46 12.88
N CYS B 221 4.67 -12.53 12.78
CA CYS B 221 4.82 -11.67 11.62
C CYS B 221 4.71 -12.43 10.30
N THR B 222 5.71 -13.28 10.01
CA THR B 222 5.70 -14.09 8.79
C THR B 222 4.44 -14.93 8.64
N GLY B 223 4.00 -15.54 9.74
CA GLY B 223 2.81 -16.36 9.73
C GLY B 223 1.53 -15.63 9.40
N THR B 224 1.52 -14.31 9.57
CA THR B 224 0.28 -13.56 9.39
C THR B 224 0.24 -12.72 8.12
N CYS B 225 1.40 -12.52 7.50
CA CYS B 225 1.50 -11.55 6.39
C CYS B 225 0.55 -11.82 5.24
N PRO B 226 -0.34 -10.87 4.94
CA PRO B 226 -1.34 -11.08 3.88
C PRO B 226 -0.74 -11.27 2.48
N LYS B 227 0.56 -11.00 2.34
CA LYS B 227 1.20 -10.98 1.03
C LYS B 227 2.21 -12.10 0.79
N GLY B 228 2.29 -13.03 1.75
CA GLY B 228 3.22 -14.17 1.65
C GLY B 228 4.68 -13.86 1.99
N LEU B 229 4.94 -12.68 2.54
CA LEU B 229 6.33 -12.27 2.80
C LEU B 229 6.92 -12.91 4.07
N ASN B 230 8.20 -12.65 4.32
CA ASN B 230 8.90 -13.29 5.45
C ASN B 230 9.71 -12.31 6.29
N PRO B 231 9.03 -11.41 7.01
CA PRO B 231 9.73 -10.41 7.81
C PRO B 231 10.72 -11.04 8.81
N GLY B 232 10.32 -12.14 9.45
CA GLY B 232 11.16 -12.78 10.45
C GLY B 232 12.47 -13.26 9.88
N LYS B 233 12.38 -14.00 8.79
CA LYS B 233 13.54 -14.45 8.03
C LYS B 233 14.49 -13.28 7.72
N ALA B 234 13.93 -12.10 7.48
CA ALA B 234 14.74 -10.94 7.13
C ALA B 234 15.39 -10.33 8.36
N ILE B 235 14.69 -10.40 9.48
CA ILE B 235 15.22 -9.95 10.77
C ILE B 235 16.44 -10.81 11.12
N ALA B 236 16.31 -12.12 10.89
CA ALA B 236 17.41 -13.07 11.04
C ALA B 236 18.59 -12.62 10.20
N GLU B 237 18.34 -12.34 8.94
CA GLU B 237 19.38 -11.91 8.03
C GLU B 237 20.00 -10.60 8.49
N ILE B 238 19.19 -9.70 9.05
CA ILE B 238 19.74 -8.46 9.63
C ILE B 238 20.69 -8.77 10.80
N LYS B 239 20.22 -9.66 11.68
CA LYS B 239 20.94 -9.98 12.90
C LYS B 239 22.30 -10.59 12.60
N LYS B 240 22.41 -11.32 11.49
CA LYS B 240 23.68 -11.94 11.12
C LYS B 240 24.60 -10.91 10.46
N MET B 241 24.02 -9.88 9.87
CA MET B 241 24.82 -8.79 9.31
C MET B 241 25.40 -7.98 10.46
N MET B 242 24.54 -7.64 11.42
CA MET B 242 24.94 -6.91 12.63
C MET B 242 26.11 -7.59 13.33
N ALA B 243 26.04 -8.92 13.43
CA ALA B 243 27.08 -9.68 14.10
C ALA B 243 28.39 -9.75 13.32
N THR B 244 28.33 -9.45 12.02
CA THR B 244 29.46 -9.74 11.13
C THR B 244 30.08 -8.55 10.38
N TYR B 245 29.38 -7.42 10.28
CA TYR B 245 29.92 -6.25 9.56
C TYR B 245 31.18 -5.68 10.22
N LYS B 246 32.03 -5.04 9.42
CA LYS B 246 33.30 -4.48 9.93
C LYS B 246 33.39 -2.95 10.01
N GLU B 247 33.53 -2.47 11.26
CA GLU B 247 33.83 -1.06 11.62
C GLU B 247 33.26 -0.72 13.01
N THR C 3 8.86 18.15 9.78
CA THR C 3 8.58 17.21 10.92
C THR C 3 9.43 15.93 10.86
N THR C 4 10.15 15.63 11.96
CA THR C 4 11.07 14.50 12.00
C THR C 4 10.36 13.24 12.48
N ALA C 5 11.02 12.10 12.32
CA ALA C 5 10.49 10.82 12.76
C ALA C 5 10.35 10.83 14.27
N LYS C 6 11.31 11.47 14.93
CA LYS C 6 11.33 11.63 16.38
C LYS C 6 10.18 12.51 16.89
N GLU C 7 9.96 13.65 16.24
CA GLU C 7 8.84 14.55 16.60
C GLU C 7 7.49 13.87 16.41
N GLU C 8 7.35 13.09 15.33
CA GLU C 8 6.12 12.36 15.03
C GLU C 8 5.81 11.34 16.13
N MET C 9 6.87 10.75 16.66
CA MET C 9 6.78 9.82 17.78
C MET C 9 6.40 10.52 19.08
N GLU C 10 7.02 11.67 19.35
CA GLU C 10 6.63 12.46 20.52
C GLU C 10 5.15 12.80 20.47
N ARG C 11 4.67 13.23 19.31
CA ARG C 11 3.31 13.73 19.19
C ARG C 11 2.27 12.62 19.26
N PHE C 12 2.62 11.47 18.68
CA PHE C 12 1.79 10.29 18.74
C PHE C 12 1.46 9.97 20.20
N TRP C 13 2.51 9.86 21.01
CA TRP C 13 2.38 9.49 22.41
C TRP C 13 1.70 10.57 23.25
N ASN C 14 2.01 11.82 22.96
CA ASN C 14 1.37 12.95 23.64
C ASN C 14 -0.13 12.98 23.40
N LYS C 15 -0.56 12.72 22.16
CA LYS C 15 -1.98 12.72 21.83
C LYS C 15 -2.70 11.54 22.47
N ASN C 16 -2.09 10.37 22.40
CA ASN C 16 -2.79 9.15 22.82
C ASN C 16 -2.84 8.93 24.32
N LEU C 17 -1.75 9.25 25.01
CA LEU C 17 -1.69 9.11 26.48
C LEU C 17 -2.65 10.08 27.16
N GLY C 18 -2.77 11.28 26.60
CA GLY C 18 -3.73 12.27 27.10
C GLY C 18 -5.03 12.25 26.33
N SER C 19 -5.39 11.08 25.80
CA SER C 19 -6.67 10.88 25.10
C SER C 19 -7.60 9.89 25.84
N ASN C 20 -8.84 9.85 25.38
CA ASN C 20 -9.86 8.91 25.87
C ASN C 20 -9.91 7.65 25.00
N ARG C 21 -8.89 7.50 24.15
CA ARG C 21 -8.80 6.38 23.21
C ARG C 21 -8.45 5.06 23.92
N PRO C 22 -9.15 3.98 23.55
CA PRO C 22 -8.84 2.66 24.08
C PRO C 22 -7.75 1.93 23.28
N LEU C 23 -7.12 0.94 23.91
CA LEU C 23 -6.23 0.02 23.21
C LEU C 23 -7.06 -1.11 22.62
N SER C 24 -6.75 -1.44 21.36
CA SER C 24 -7.38 -2.57 20.70
C SER C 24 -6.92 -3.87 21.35
N PRO C 25 -7.87 -4.75 21.74
CA PRO C 25 -7.57 -6.06 22.31
C PRO C 25 -6.46 -6.80 21.56
N HIS C 26 -5.64 -7.56 22.30
CA HIS C 26 -4.46 -8.24 21.74
C HIS C 26 -4.43 -9.73 22.10
N ILE C 27 -3.94 -10.08 23.29
CA ILE C 27 -3.86 -11.49 23.71
C ILE C 27 -5.26 -12.09 23.82
N THR C 28 -6.22 -11.28 24.29
CA THR C 28 -7.61 -11.70 24.45
C THR C 28 -8.26 -12.11 23.13
N ILE C 29 -7.67 -11.70 22.00
CA ILE C 29 -8.29 -11.95 20.70
C ILE C 29 -7.43 -12.66 19.65
N TYR C 30 -6.11 -12.72 19.83
CA TYR C 30 -5.25 -13.27 18.79
C TYR C 30 -5.25 -14.80 18.74
N ARG C 31 -5.25 -15.36 17.53
CA ARG C 31 -5.28 -16.83 17.39
C ARG C 31 -4.01 -17.48 17.93
N TRP C 32 -4.21 -18.38 18.90
CA TRP C 32 -3.18 -19.25 19.43
C TRP C 32 -2.59 -20.09 18.32
N SER C 33 -1.27 -20.05 18.16
CA SER C 33 -0.60 -20.96 17.24
C SER C 33 0.54 -21.69 17.94
N LEU C 34 0.87 -22.89 17.46
CA LEU C 34 1.92 -23.70 18.08
C LEU C 34 3.29 -23.00 18.18
N PRO C 35 3.75 -22.33 17.09
CA PRO C 35 4.99 -21.53 17.22
C PRO C 35 4.97 -20.57 18.40
N MET C 36 3.84 -19.87 18.58
CA MET C 36 3.68 -18.89 19.64
C MET C 36 3.70 -19.53 21.02
N ALA C 37 2.90 -20.59 21.21
CA ALA C 37 2.89 -21.30 22.47
C ALA C 37 4.30 -21.79 22.80
N MET C 38 5.02 -22.23 21.77
CA MET C 38 6.36 -22.78 21.98
C MET C 38 7.40 -21.70 22.33
N SER C 39 7.20 -20.48 21.83
CA SER C 39 8.05 -19.39 22.26
C SER C 39 7.77 -19.03 23.73
N ILE C 40 6.49 -18.97 24.10
CA ILE C 40 6.09 -18.70 25.50
C ILE C 40 6.69 -19.69 26.49
N CYS C 41 6.63 -20.98 26.17
CA CYS C 41 7.16 -22.02 27.03
C CYS C 41 8.67 -21.94 27.08
N HIS C 42 9.30 -21.58 25.97
CA HIS C 42 10.74 -21.31 26.04
C HIS C 42 11.07 -20.22 27.07
N ARG C 43 10.27 -19.15 27.10
CA ARG C 43 10.34 -18.12 28.15
C ARG C 43 10.19 -18.73 29.53
N GLY C 44 9.06 -19.41 29.71
CA GLY C 44 8.69 -20.01 30.99
C GLY C 44 9.70 -21.01 31.49
N THR C 45 10.08 -21.96 30.64
CA THR C 45 11.08 -22.94 31.02
C THR C 45 12.40 -22.29 31.41
N GLY C 46 12.86 -21.36 30.56
CA GLY C 46 14.04 -20.54 30.84
C GLY C 46 13.97 -19.88 32.20
N ILE C 47 12.79 -19.37 32.55
CA ILE C 47 12.55 -18.72 33.83
C ILE C 47 12.53 -19.71 34.99
N ALA C 48 11.90 -20.86 34.78
CA ALA C 48 11.82 -21.89 35.84
C ALA C 48 13.22 -22.41 36.18
N LEU C 49 14.03 -22.64 35.15
CA LEU C 49 15.40 -23.14 35.31
C LEU C 49 16.32 -22.19 36.09
N SER C 50 16.32 -20.91 35.74
CA SER C 50 17.13 -19.93 36.46
C SER C 50 16.70 -19.84 37.92
N ALA C 51 15.38 -19.92 38.14
CA ALA C 51 14.82 -19.95 39.48
C ALA C 51 15.41 -21.13 40.25
N GLY C 52 15.46 -22.30 39.61
CA GLY C 52 16.07 -23.50 40.21
C GLY C 52 17.56 -23.37 40.52
N VAL C 53 18.33 -22.89 39.54
CA VAL C 53 19.76 -22.74 39.67
C VAL C 53 20.08 -21.73 40.77
N SER C 54 19.28 -20.67 40.85
CA SER C 54 19.45 -19.67 41.92
C SER C 54 19.07 -20.20 43.29
N LEU C 55 17.95 -20.94 43.37
CA LEU C 55 17.57 -21.58 44.61
C LEU C 55 18.69 -22.47 45.09
N PHE C 56 19.31 -23.19 44.16
CA PHE C 56 20.38 -24.13 44.50
C PHE C 56 21.67 -23.49 45.02
N GLY C 57 22.13 -22.42 44.36
CA GLY C 57 23.34 -21.72 44.78
C GLY C 57 23.12 -20.94 46.06
N LEU C 58 21.99 -20.25 46.14
CA LEU C 58 21.64 -19.46 47.32
C LEU C 58 21.52 -20.32 48.57
N SER C 59 20.98 -21.53 48.46
CA SER C 59 20.90 -22.39 49.63
C SER C 59 22.26 -22.94 50.07
N ALA C 60 23.17 -23.13 49.13
CA ALA C 60 24.56 -23.50 49.44
C ALA C 60 25.28 -22.39 50.25
N LEU C 61 24.71 -21.19 50.26
CA LEU C 61 25.28 -20.07 50.96
C LEU C 61 24.51 -19.74 52.23
N LEU C 62 23.19 -19.90 52.18
CA LEU C 62 22.32 -19.43 53.25
C LEU C 62 21.79 -20.54 54.16
N LEU C 63 21.96 -21.80 53.76
CA LEU C 63 21.40 -22.88 54.54
C LEU C 63 22.46 -23.78 55.21
N PRO C 64 22.14 -24.32 56.41
CA PRO C 64 23.07 -25.13 57.20
C PRO C 64 23.27 -26.51 56.63
N GLY C 65 24.43 -27.11 56.94
CA GLY C 65 24.72 -28.49 56.57
C GLY C 65 25.15 -28.68 55.12
N ASN C 66 25.43 -29.93 54.77
CA ASN C 66 25.91 -30.27 53.42
C ASN C 66 24.81 -30.87 52.53
N PHE C 67 25.14 -31.08 51.25
CA PHE C 67 24.19 -31.65 50.34
C PHE C 67 23.71 -33.01 50.84
N GLU C 68 24.64 -33.85 51.31
CA GLU C 68 24.31 -35.16 51.86
C GLU C 68 23.19 -35.11 52.90
N SER C 69 23.29 -34.13 53.79
CA SER C 69 22.31 -33.91 54.86
C SER C 69 20.91 -33.64 54.34
N HIS C 70 20.82 -32.81 53.29
CA HIS C 70 19.53 -32.49 52.71
C HIS C 70 19.00 -33.66 51.85
N LEU C 71 19.89 -34.49 51.33
CA LEU C 71 19.47 -35.73 50.67
C LEU C 71 18.83 -36.71 51.65
N GLU C 72 19.46 -36.91 52.80
CA GLU C 72 18.90 -37.75 53.85
C GLU C 72 17.52 -37.27 54.30
N LEU C 73 17.26 -35.98 54.10
CA LEU C 73 15.97 -35.39 54.45
C LEU C 73 14.91 -35.83 53.43
N VAL C 74 15.32 -35.92 52.17
CA VAL C 74 14.48 -36.40 51.08
C VAL C 74 14.19 -37.90 51.24
N LYS C 75 15.20 -38.68 51.65
CA LYS C 75 15.07 -40.13 51.87
C LYS C 75 14.09 -40.48 52.99
N SER C 76 13.96 -39.59 53.97
CA SER C 76 13.12 -39.79 55.14
C SER C 76 11.65 -39.40 54.91
N LEU C 77 11.38 -38.75 53.78
CA LEU C 77 10.01 -38.55 53.31
C LEU C 77 9.39 -39.91 52.89
N CYS C 78 10.24 -40.92 52.79
CA CYS C 78 9.92 -42.26 52.25
C CYS C 78 9.75 -42.23 50.74
N LEU C 79 10.76 -42.78 50.06
CA LEU C 79 10.94 -42.63 48.61
C LEU C 79 9.96 -43.45 47.75
N GLY C 80 8.79 -42.87 47.49
CA GLY C 80 7.79 -43.50 46.63
C GLY C 80 8.42 -43.83 45.29
N PRO C 81 8.22 -45.07 44.80
CA PRO C 81 8.84 -45.48 43.54
C PRO C 81 8.50 -44.53 42.37
N THR C 82 7.27 -44.57 41.87
CA THR C 82 6.87 -43.70 40.76
C THR C 82 6.73 -42.22 41.16
N LEU C 83 6.62 -41.95 42.45
CA LEU C 83 6.55 -40.57 42.93
C LEU C 83 7.90 -39.87 42.79
N ILE C 84 8.99 -40.64 42.79
CA ILE C 84 10.34 -40.10 42.62
C ILE C 84 10.60 -39.89 41.13
N TYR C 85 10.09 -40.82 40.32
CA TYR C 85 10.15 -40.69 38.89
C TYR C 85 9.41 -39.42 38.48
N THR C 86 8.35 -39.08 39.23
CA THR C 86 7.56 -37.87 38.95
C THR C 86 8.36 -36.59 39.18
N ALA C 87 9.10 -36.54 40.28
CA ALA C 87 9.97 -35.40 40.55
C ALA C 87 11.07 -35.30 39.50
N LYS C 88 11.70 -36.44 39.18
CA LYS C 88 12.72 -36.52 38.13
C LYS C 88 12.19 -36.01 36.78
N PHE C 89 11.03 -36.51 36.37
CA PHE C 89 10.36 -36.07 35.14
C PHE C 89 10.11 -34.56 35.13
N GLY C 90 9.45 -34.07 36.17
CA GLY C 90 9.14 -32.64 36.34
C GLY C 90 10.33 -31.73 36.52
N ILE C 91 11.51 -32.32 36.76
CA ILE C 91 12.77 -31.57 36.83
C ILE C 91 13.44 -31.54 35.46
N VAL C 92 13.41 -32.66 34.75
CA VAL C 92 14.12 -32.76 33.49
C VAL C 92 13.23 -32.39 32.27
N PHE C 93 11.92 -32.34 32.49
CA PHE C 93 11.00 -31.94 31.43
C PHE C 93 11.20 -30.47 30.99
N PRO C 94 11.27 -29.54 31.95
CA PRO C 94 11.57 -28.18 31.49
C PRO C 94 12.97 -28.09 30.87
N LEU C 95 13.91 -28.85 31.41
CA LEU C 95 15.30 -28.81 30.94
C LEU C 95 15.36 -29.22 29.49
N MET C 96 14.84 -30.41 29.19
CA MET C 96 14.89 -30.94 27.84
C MET C 96 14.13 -30.04 26.85
N TYR C 97 12.90 -29.66 27.22
CA TYR C 97 12.16 -28.74 26.38
C TYR C 97 13.00 -27.54 25.97
N HIS C 98 13.46 -26.76 26.95
CA HIS C 98 14.26 -25.59 26.71
C HIS C 98 15.54 -25.95 25.96
N THR C 99 16.14 -27.08 26.28
CA THR C 99 17.34 -27.50 25.56
C THR C 99 17.06 -27.66 24.08
N TRP C 100 16.16 -28.56 23.72
CA TRP C 100 15.87 -28.81 22.31
C TRP C 100 15.41 -27.55 21.60
N ASN C 101 14.46 -26.84 22.20
CA ASN C 101 13.91 -25.64 21.58
C ASN C 101 14.95 -24.55 21.46
N GLY C 102 15.91 -24.59 22.38
CA GLY C 102 17.10 -23.74 22.35
C GLY C 102 18.00 -24.02 21.16
N ILE C 103 18.19 -25.30 20.82
CA ILE C 103 18.93 -25.65 19.60
C ILE C 103 18.20 -25.05 18.39
N ARG C 104 16.88 -25.26 18.35
CA ARG C 104 16.03 -24.79 17.26
C ARG C 104 16.17 -23.27 17.12
N HIS C 105 16.28 -22.58 18.26
CA HIS C 105 16.61 -21.16 18.25
C HIS C 105 17.94 -20.84 17.57
N LEU C 106 18.98 -21.60 17.90
CA LEU C 106 20.31 -21.42 17.31
C LEU C 106 20.32 -21.66 15.79
N ILE C 107 19.57 -22.66 15.32
CA ILE C 107 19.44 -22.91 13.89
C ILE C 107 18.75 -21.71 13.23
N TRP C 108 17.80 -21.10 13.91
CA TRP C 108 17.20 -19.86 13.41
C TRP C 108 18.23 -18.73 13.31
N ASP C 109 19.08 -18.57 14.32
CA ASP C 109 20.11 -17.52 14.30
C ASP C 109 21.05 -17.69 13.09
N LEU C 110 21.20 -18.94 12.64
CA LEU C 110 22.00 -19.26 11.46
C LEU C 110 21.30 -18.82 10.19
N GLY C 111 19.97 -18.72 10.26
CA GLY C 111 19.14 -18.32 9.12
C GLY C 111 18.28 -19.41 8.51
N LYS C 112 18.26 -20.57 9.16
CA LYS C 112 17.61 -21.74 8.58
C LYS C 112 16.29 -22.07 9.27
N GLY C 113 15.42 -22.77 8.55
CA GLY C 113 14.17 -23.30 9.12
C GLY C 113 13.08 -22.27 9.37
N LEU C 114 13.21 -21.10 8.75
CA LEU C 114 12.36 -19.97 9.03
C LEU C 114 11.20 -19.76 8.05
N THR C 115 10.60 -20.84 7.59
CA THR C 115 9.36 -20.75 6.84
C THR C 115 8.28 -21.44 7.67
N ILE C 116 7.02 -21.15 7.38
CA ILE C 116 5.92 -21.69 8.15
C ILE C 116 5.81 -23.23 8.11
N PRO C 117 6.14 -23.85 6.95
CA PRO C 117 6.24 -25.32 6.93
C PRO C 117 7.33 -25.82 7.88
N GLN C 118 8.53 -25.27 7.76
CA GLN C 118 9.66 -25.66 8.58
C GLN C 118 9.39 -25.40 10.06
N LEU C 119 8.60 -24.37 10.33
CA LEU C 119 8.27 -23.98 11.69
C LEU C 119 7.40 -25.01 12.39
N THR C 120 6.38 -25.49 11.69
CA THR C 120 5.45 -26.48 12.24
C THR C 120 6.14 -27.83 12.42
N GLN C 121 6.89 -28.26 11.41
CA GLN C 121 7.68 -29.50 11.47
C GLN C 121 8.74 -29.50 12.59
N SER C 122 9.68 -28.56 12.55
CA SER C 122 10.71 -28.49 13.58
C SER C 122 10.10 -28.40 14.97
N GLY C 123 8.95 -27.73 15.07
CA GLY C 123 8.19 -27.63 16.31
C GLY C 123 7.77 -29.00 16.82
N VAL C 124 6.94 -29.67 16.04
CA VAL C 124 6.53 -31.03 16.37
C VAL C 124 7.74 -31.88 16.77
N VAL C 125 8.83 -31.77 16.02
CA VAL C 125 10.04 -32.56 16.31
C VAL C 125 10.55 -32.28 17.71
N VAL C 126 10.63 -31.00 18.07
CA VAL C 126 11.11 -30.58 19.40
C VAL C 126 10.26 -31.23 20.49
N LEU C 127 8.93 -31.17 20.32
CA LEU C 127 8.03 -31.79 21.27
C LEU C 127 8.31 -33.28 21.45
N ILE C 128 8.56 -33.97 20.35
CA ILE C 128 8.81 -35.41 20.36
C ILE C 128 10.14 -35.76 21.03
N LEU C 129 11.17 -34.97 20.73
CA LEU C 129 12.49 -35.12 21.38
C LEU C 129 12.43 -34.83 22.87
N THR C 130 11.58 -33.88 23.26
CA THR C 130 11.42 -33.53 24.68
C THR C 130 10.79 -34.68 25.46
N VAL C 131 9.67 -35.21 24.98
CA VAL C 131 9.01 -36.35 25.61
C VAL C 131 9.96 -37.56 25.76
N LEU C 132 10.70 -37.88 24.70
CA LEU C 132 11.60 -39.04 24.69
C LEU C 132 12.85 -38.87 25.55
N SER C 133 13.51 -37.71 25.46
CA SER C 133 14.67 -37.48 26.34
C SER C 133 14.27 -37.25 27.80
N SER C 134 13.02 -36.85 28.02
CA SER C 134 12.48 -36.70 29.38
C SER C 134 12.10 -38.02 30.03
N VAL C 135 11.60 -38.95 29.22
CA VAL C 135 11.28 -40.28 29.72
C VAL C 135 12.58 -41.05 29.94
N GLY C 136 13.50 -40.96 28.99
CA GLY C 136 14.82 -41.59 29.08
C GLY C 136 15.70 -41.11 30.23
N LEU C 137 15.74 -39.80 30.46
CA LEU C 137 16.58 -39.26 31.52
C LEU C 137 16.08 -39.59 32.92
N ALA C 138 14.77 -39.54 33.11
CA ALA C 138 14.15 -39.94 34.38
C ALA C 138 14.39 -41.44 34.63
N ALA C 139 14.50 -42.21 33.54
CA ALA C 139 14.75 -43.65 33.63
C ALA C 139 16.18 -44.02 34.04
N MET C 140 17.14 -43.13 33.78
CA MET C 140 18.55 -43.41 34.07
C MET C 140 18.80 -43.63 35.56
N SER D 2 30.66 4.04 15.35
CA SER D 2 30.74 4.05 16.84
C SER D 2 30.64 2.62 17.44
N SER D 3 30.46 2.54 18.76
CA SER D 3 30.37 1.26 19.50
C SER D 3 29.38 0.29 18.85
N LYS D 4 29.79 -0.96 18.69
CA LYS D 4 28.87 -1.97 18.20
C LYS D 4 28.51 -2.99 19.30
N ALA D 5 28.00 -2.45 20.42
CA ALA D 5 27.81 -3.19 21.67
C ALA D 5 26.64 -4.15 21.69
N ALA D 6 25.48 -3.70 21.22
CA ALA D 6 24.28 -4.53 21.23
C ALA D 6 24.45 -5.80 20.39
N SER D 7 25.12 -5.67 19.24
CA SER D 7 25.40 -6.84 18.41
C SER D 7 26.40 -7.77 19.11
N LEU D 8 27.34 -7.21 19.85
CA LEU D 8 28.28 -8.02 20.61
C LEU D 8 27.60 -8.81 21.71
N HIS D 9 26.75 -8.13 22.49
CA HIS D 9 25.97 -8.77 23.53
C HIS D 9 25.16 -9.93 22.94
N TRP D 10 24.47 -9.67 21.83
CA TRP D 10 23.70 -10.68 21.13
C TRP D 10 24.54 -11.89 20.76
N THR D 11 25.71 -11.63 20.20
CA THR D 11 26.61 -12.72 19.77
C THR D 11 27.11 -13.48 20.98
N GLY D 12 27.61 -12.74 21.98
CA GLY D 12 28.03 -13.31 23.26
C GLY D 12 27.02 -14.34 23.74
N GLU D 13 25.76 -13.91 23.86
CA GLU D 13 24.67 -14.81 24.24
C GLU D 13 24.71 -16.15 23.51
N ARG D 14 24.77 -16.12 22.17
CA ARG D 14 24.75 -17.36 21.39
C ARG D 14 26.01 -18.17 21.66
N VAL D 15 27.14 -17.51 21.84
CA VAL D 15 28.38 -18.21 22.22
C VAL D 15 28.17 -19.02 23.51
N VAL D 16 27.79 -18.37 24.62
CA VAL D 16 27.52 -19.16 25.86
C VAL D 16 26.39 -20.19 25.69
N SER D 17 25.36 -19.84 24.91
CA SER D 17 24.31 -20.82 24.58
C SER D 17 24.90 -22.11 24.03
N VAL D 18 25.74 -22.02 23.00
CA VAL D 18 26.35 -23.23 22.41
C VAL D 18 27.32 -23.86 23.41
N LEU D 19 27.93 -23.02 24.23
CA LEU D 19 28.85 -23.47 25.25
C LEU D 19 28.11 -24.30 26.31
N LEU D 20 27.00 -23.76 26.78
CA LEU D 20 26.17 -24.44 27.78
C LEU D 20 25.69 -25.79 27.25
N LEU D 21 25.33 -25.81 25.96
CA LEU D 21 24.92 -27.04 25.27
C LEU D 21 26.08 -28.01 25.04
N GLY D 22 27.30 -27.49 24.92
CA GLY D 22 28.47 -28.36 24.81
C GLY D 22 28.79 -29.00 26.15
N LEU D 23 28.62 -28.23 27.21
CA LEU D 23 28.95 -28.64 28.57
C LEU D 23 28.10 -29.78 29.11
N LEU D 24 26.79 -29.71 28.91
CA LEU D 24 25.86 -30.68 29.50
C LEU D 24 26.19 -32.14 29.16
N PRO D 25 26.47 -32.44 27.88
CA PRO D 25 26.89 -33.81 27.63
C PRO D 25 28.28 -34.08 28.16
N ALA D 26 29.20 -33.13 28.01
CA ALA D 26 30.58 -33.30 28.44
C ALA D 26 30.70 -33.51 29.95
N ALA D 27 29.90 -32.74 30.71
CA ALA D 27 29.78 -32.90 32.16
C ALA D 27 29.34 -34.32 32.57
N TYR D 28 28.43 -34.90 31.79
CA TYR D 28 27.97 -36.27 32.04
C TYR D 28 29.14 -37.23 31.87
N LEU D 29 29.79 -37.15 30.71
CA LEU D 29 30.83 -38.10 30.32
C LEU D 29 32.09 -37.96 31.17
N ASN D 30 32.54 -36.72 31.38
CA ASN D 30 33.76 -36.48 32.11
C ASN D 30 33.44 -35.54 33.28
N PRO D 31 32.91 -36.10 34.39
CA PRO D 31 32.57 -35.29 35.55
C PRO D 31 33.77 -35.07 36.47
N CYS D 32 34.32 -33.86 36.41
CA CYS D 32 35.43 -33.46 37.25
C CYS D 32 35.10 -32.09 37.84
N SER D 33 36.10 -31.47 38.46
CA SER D 33 35.88 -30.17 39.09
C SER D 33 35.83 -29.05 38.05
N ALA D 34 36.78 -29.02 37.13
CA ALA D 34 36.84 -27.99 36.10
C ALA D 34 35.53 -27.92 35.33
N MET D 35 34.86 -29.07 35.26
CA MET D 35 33.57 -29.19 34.62
C MET D 35 32.46 -28.64 35.53
N ASP D 36 32.72 -28.64 36.84
CA ASP D 36 31.77 -28.08 37.82
C ASP D 36 31.75 -26.56 37.76
N TYR D 37 32.92 -25.94 37.67
CA TYR D 37 33.02 -24.49 37.60
C TYR D 37 32.54 -23.92 36.28
N SER D 38 32.96 -24.52 35.17
CA SER D 38 32.52 -24.12 33.84
C SER D 38 31.00 -24.08 33.81
N LEU D 39 30.40 -25.14 34.34
CA LEU D 39 28.95 -25.26 34.42
C LEU D 39 28.37 -24.14 35.29
N ALA D 40 29.05 -23.80 36.37
CA ALA D 40 28.61 -22.70 37.23
C ALA D 40 28.69 -21.35 36.49
N ALA D 41 29.83 -21.09 35.85
CA ALA D 41 30.05 -19.88 35.08
C ALA D 41 28.97 -19.75 34.02
N ALA D 42 28.95 -20.71 33.10
CA ALA D 42 28.05 -20.69 31.95
C ALA D 42 26.58 -20.67 32.38
N LEU D 43 26.23 -21.49 33.36
CA LEU D 43 24.85 -21.59 33.79
C LEU D 43 24.32 -20.25 34.33
N THR D 44 25.09 -19.58 35.18
CA THR D 44 24.63 -18.33 35.76
C THR D 44 24.77 -17.15 34.78
N LEU D 45 25.79 -17.16 33.93
CA LEU D 45 25.95 -16.13 32.89
C LEU D 45 24.84 -16.20 31.85
N HIS D 46 24.57 -17.41 31.32
CA HIS D 46 23.46 -17.61 30.41
C HIS D 46 22.16 -17.20 31.10
N GLY D 47 21.96 -17.70 32.32
CA GLY D 47 20.82 -17.32 33.14
C GLY D 47 20.71 -15.82 33.35
N HIS D 48 21.82 -15.19 33.70
CA HIS D 48 21.83 -13.75 33.93
C HIS D 48 21.37 -12.94 32.69
N TRP D 49 21.87 -13.31 31.51
CA TRP D 49 21.54 -12.57 30.30
C TRP D 49 20.10 -12.85 29.89
N GLY D 50 19.62 -14.05 30.21
CA GLY D 50 18.26 -14.45 29.87
C GLY D 50 17.21 -13.62 30.58
N ILE D 51 17.27 -13.60 31.92
CA ILE D 51 16.38 -12.74 32.71
C ILE D 51 16.57 -11.27 32.30
N GLY D 52 17.80 -10.90 31.95
CA GLY D 52 18.09 -9.59 31.38
C GLY D 52 17.06 -9.22 30.33
N GLN D 53 16.97 -10.03 29.27
CA GLN D 53 16.00 -9.84 28.19
C GLN D 53 14.55 -9.74 28.67
N VAL D 54 14.18 -10.61 29.61
CA VAL D 54 12.83 -10.65 30.16
C VAL D 54 12.53 -9.34 30.88
N VAL D 55 13.49 -8.89 31.67
CA VAL D 55 13.37 -7.62 32.39
C VAL D 55 13.24 -6.49 31.38
N THR D 56 14.16 -6.45 30.42
CA THR D 56 14.17 -5.36 29.46
C THR D 56 12.91 -5.34 28.59
N ASP D 57 12.23 -6.48 28.49
CA ASP D 57 10.96 -6.56 27.75
C ASP D 57 9.76 -6.01 28.55
N TYR D 58 9.63 -6.47 29.78
CA TYR D 58 8.45 -6.20 30.60
C TYR D 58 8.56 -5.06 31.63
N VAL D 59 9.77 -4.70 32.05
CA VAL D 59 9.92 -3.68 33.08
C VAL D 59 10.02 -2.27 32.49
N ARG D 60 8.89 -1.57 32.49
CA ARG D 60 8.82 -0.25 31.83
C ARG D 60 9.12 0.89 32.81
N GLY D 61 10.03 1.79 32.42
CA GLY D 61 10.38 2.93 33.26
C GLY D 61 11.86 3.09 33.57
N ASP D 62 12.28 4.35 33.72
CA ASP D 62 13.67 4.75 33.97
C ASP D 62 14.28 4.07 35.22
N ALA D 63 14.04 4.65 36.40
CA ALA D 63 14.64 4.16 37.65
C ALA D 63 14.15 2.78 38.07
N LEU D 64 13.00 2.36 37.54
CA LEU D 64 12.43 1.06 37.89
C LEU D 64 13.13 -0.09 37.17
N GLN D 65 13.61 0.16 35.95
CA GLN D 65 14.38 -0.84 35.23
C GLN D 65 15.81 -0.94 35.76
N LYS D 66 16.46 0.21 35.97
CA LYS D 66 17.79 0.25 36.57
C LYS D 66 17.83 -0.62 37.84
N ALA D 67 16.72 -0.57 38.60
CA ALA D 67 16.59 -1.28 39.86
C ALA D 67 16.58 -2.79 39.68
N ALA D 68 15.71 -3.28 38.80
CA ALA D 68 15.66 -4.70 38.45
C ALA D 68 17.03 -5.15 37.98
N LYS D 69 17.59 -4.42 37.02
CA LYS D 69 18.94 -4.69 36.51
C LYS D 69 19.97 -4.84 37.65
N ALA D 70 19.78 -4.10 38.74
CA ALA D 70 20.64 -4.21 39.93
C ALA D 70 20.25 -5.43 40.77
N GLY D 71 18.95 -5.58 41.04
CA GLY D 71 18.42 -6.75 41.75
C GLY D 71 18.83 -8.06 41.10
N LEU D 72 18.77 -8.08 39.78
CA LEU D 72 19.26 -9.22 39.01
C LEU D 72 20.78 -9.34 39.09
N LEU D 73 21.49 -8.21 39.09
CA LEU D 73 22.95 -8.27 39.21
C LEU D 73 23.35 -8.95 40.52
N ALA D 74 22.75 -8.51 41.61
CA ALA D 74 22.97 -9.10 42.94
C ALA D 74 22.65 -10.59 42.93
N LEU D 75 21.50 -10.93 42.38
CA LEU D 75 21.01 -12.31 42.34
C LEU D 75 22.04 -13.24 41.67
N SER D 76 22.57 -12.80 40.54
CA SER D 76 23.54 -13.56 39.77
C SER D 76 24.84 -13.76 40.55
N ALA D 77 25.51 -12.67 40.89
CA ALA D 77 26.73 -12.73 41.69
C ALA D 77 26.57 -13.74 42.84
N PHE D 78 25.45 -13.68 43.56
CA PHE D 78 25.17 -14.58 44.68
C PHE D 78 25.03 -16.02 44.21
N THR D 79 24.29 -16.19 43.11
CA THR D 79 24.08 -17.51 42.53
C THR D 79 25.43 -18.09 42.15
N PHE D 80 26.26 -17.29 41.50
CA PHE D 80 27.57 -17.76 41.05
C PHE D 80 28.50 -18.10 42.21
N ALA D 81 28.59 -17.21 43.20
CA ALA D 81 29.37 -17.49 44.40
C ALA D 81 28.87 -18.76 45.08
N GLY D 82 27.56 -18.85 45.28
CA GLY D 82 26.92 -19.97 45.96
C GLY D 82 27.26 -21.31 45.36
N LEU D 83 27.22 -21.38 44.03
CA LEU D 83 27.61 -22.56 43.29
C LEU D 83 29.11 -22.78 43.40
N CYS D 84 29.90 -21.72 43.27
CA CYS D 84 31.35 -21.84 43.46
C CYS D 84 31.68 -22.39 44.83
N TYR D 85 31.02 -21.87 45.86
CA TYR D 85 31.17 -22.40 47.22
C TYR D 85 30.84 -23.89 47.21
N PHE D 86 29.67 -24.23 46.66
CA PHE D 86 29.20 -25.61 46.60
C PHE D 86 30.22 -26.55 45.95
N ASN D 87 30.94 -26.05 44.95
CA ASN D 87 31.99 -26.84 44.29
C ASN D 87 33.24 -27.02 45.12
N TYR D 88 33.70 -25.94 45.73
CA TYR D 88 34.92 -25.94 46.52
C TYR D 88 34.73 -26.70 47.85
N HIS D 89 33.67 -26.34 48.59
CA HIS D 89 33.45 -26.84 49.94
C HIS D 89 32.38 -27.92 50.10
N ASP D 90 31.90 -28.44 48.98
CA ASP D 90 30.92 -29.54 49.02
C ASP D 90 31.14 -30.44 47.82
N VAL D 91 30.25 -31.43 47.71
CA VAL D 91 30.25 -32.42 46.66
C VAL D 91 30.59 -31.89 45.25
N GLY D 92 29.88 -30.85 44.80
CA GLY D 92 30.06 -30.28 43.45
C GLY D 92 28.94 -30.68 42.51
N ILE D 93 28.62 -29.82 41.54
CA ILE D 93 27.41 -29.97 40.72
C ILE D 93 27.27 -31.38 40.13
N CYS D 94 28.27 -31.83 39.39
CA CYS D 94 28.21 -33.12 38.74
C CYS D 94 27.85 -34.22 39.73
N LYS D 95 28.63 -34.33 40.81
CA LYS D 95 28.43 -35.37 41.81
C LYS D 95 27.10 -35.21 42.57
N ALA D 96 26.63 -33.98 42.72
CA ALA D 96 25.31 -33.73 43.33
C ALA D 96 24.17 -34.28 42.47
N VAL D 97 24.22 -33.97 41.18
CA VAL D 97 23.26 -34.49 40.21
C VAL D 97 23.29 -36.02 40.26
N ALA D 98 24.49 -36.59 40.30
CA ALA D 98 24.70 -38.03 40.38
C ALA D 98 23.99 -38.64 41.59
N MET D 99 24.41 -38.22 42.79
CA MET D 99 23.79 -38.64 44.03
C MET D 99 22.27 -38.52 43.94
N LEU D 100 21.80 -37.33 43.59
CA LEU D 100 20.38 -37.05 43.40
C LEU D 100 19.66 -38.08 42.53
N TRP D 101 20.36 -38.61 41.53
CA TRP D 101 19.74 -39.45 40.51
C TRP D 101 19.73 -40.93 40.82
N LYS D 102 20.84 -41.47 41.33
CA LYS D 102 20.78 -42.84 41.83
C LYS D 102 20.08 -42.83 43.20
N LEU D 103 18.78 -42.49 43.13
CA LEU D 103 17.90 -42.34 44.29
C LEU D 103 16.50 -42.78 43.89
#